data_7LOV
#
_entry.id   7LOV
#
_cell.length_a   152.589
_cell.length_b   82.676
_cell.length_c   113.227
_cell.angle_alpha   90.000
_cell.angle_beta   92.430
_cell.angle_gamma   90.000
#
_symmetry.space_group_name_H-M   'C 1 2 1'
#
loop_
_entity.id
_entity.type
_entity.pdbx_description
1 polymer 'Toxin B'
2 non-polymer (2R,3S,4R,5R)-5-(HYDROXYMETHYL)PIPERIDINE-2,3,4-TRIOL
3 non-polymer "URIDINE-5'-DIPHOSPHATE"
4 non-polymer GLYCEROL
5 non-polymer 'MANGANESE (II) ION'
6 water water
#
_entity_poly.entity_id   1
_entity_poly.type   'polypeptide(L)'
_entity_poly.pdbx_seq_one_letter_code
;MGSLVNRKQLEKMANVRFRTQEDEYVAILDALEEYHNMSENTVVEKYLKLKDINSLTDIYIDTYKKSGRNKALKKFKEYL
VTEVLELKNNNLTPVEKNLHFVWIGGQINDTAINYINQWKDVNSDYNVNVFYDSNAFLINTLKKTVVESAINDTLESFRE
NLNDPRFDYNKFFRKRMEIIYDKQKNFINYYKAQREENPELIIDDIVKTYLSNEYSKEIDELNTYIEESLNKITQNSGND
VRNFEEFKNGESFNLYEQELVERWNLAAASDILRISALKEIGGMYLDVDMLPGIQPDLFESIEKPSSVTVDFWEMTKLEA
IMKYKEYIPEYTSEHFDMLDEEVQSSFESVLASKSDKSEIFSSLGDMEASPLEVKIAFNSKGIINQGLISVKDSYCSNLI
VKQIENRYKILNNSLNPAISEDNDFNTTTNTFIDSIMAEANADNGRFMMELGKYLRVGFFPDVKTTINLSGPEAYAAAYQ
DLLMFKEGSMNIHLIEADLRNFEISKTNISQSTEQEMASLWSFDDARAKAQFEEYKRNYFEGSLLEHHHHHH
;
_entity_poly.pdbx_strand_id   A,B
#
# COMPACT_ATOMS: atom_id res chain seq x y z
N SER A 3 35.30 5.29 3.55
CA SER A 3 36.12 4.29 2.81
C SER A 3 35.71 2.88 3.27
N LEU A 4 35.45 1.97 2.32
CA LEU A 4 34.87 0.63 2.60
C LEU A 4 35.95 -0.27 3.21
N VAL A 5 35.57 -1.04 4.24
CA VAL A 5 36.45 -2.04 4.94
C VAL A 5 37.18 -2.90 3.89
N ASN A 6 38.44 -3.25 4.15
CA ASN A 6 39.24 -4.19 3.31
C ASN A 6 38.94 -5.62 3.75
N ARG A 7 39.52 -6.60 3.03
CA ARG A 7 39.32 -8.05 3.28
C ARG A 7 39.68 -8.38 4.73
N LYS A 8 40.81 -7.87 5.23
CA LYS A 8 41.34 -8.11 6.60
C LYS A 8 40.33 -7.62 7.64
N GLN A 9 39.77 -6.42 7.45
CA GLN A 9 38.82 -5.79 8.40
C GLN A 9 37.52 -6.61 8.45
N LEU A 10 37.05 -7.12 7.31
CA LEU A 10 35.81 -7.94 7.20
C LEU A 10 36.06 -9.33 7.83
N GLU A 11 37.23 -9.92 7.58
CA GLU A 11 37.66 -11.21 8.20
C GLU A 11 37.54 -11.11 9.73
N LYS A 12 37.94 -9.97 10.31
CA LYS A 12 37.89 -9.72 11.78
C LYS A 12 36.43 -9.57 12.24
N MET A 13 35.62 -8.78 11.53
CA MET A 13 34.18 -8.56 11.83
C MET A 13 33.43 -9.90 11.85
N ALA A 14 33.62 -10.72 10.81
CA ALA A 14 32.84 -11.95 10.54
C ALA A 14 33.57 -13.20 11.07
N ASN A 15 34.69 -13.00 11.78
CA ASN A 15 35.47 -14.09 12.40
C ASN A 15 34.57 -14.92 13.31
N VAL A 16 34.67 -16.25 13.22
CA VAL A 16 34.05 -17.21 14.18
C VAL A 16 35.10 -18.29 14.45
N ARG A 17 35.56 -18.38 15.71
CA ARG A 17 36.66 -19.28 16.14
C ARG A 17 36.33 -20.72 15.72
N PHE A 18 37.23 -21.35 14.95
CA PHE A 18 37.20 -22.75 14.50
C PHE A 18 36.01 -23.04 13.57
N ARG A 19 35.45 -22.00 12.92
CA ARG A 19 34.41 -22.17 11.87
C ARG A 19 35.08 -22.21 10.50
N THR A 20 34.75 -23.22 9.68
CA THR A 20 35.25 -23.41 8.30
C THR A 20 35.00 -22.13 7.50
N GLN A 21 35.97 -21.69 6.72
CA GLN A 21 35.76 -20.63 5.70
C GLN A 21 34.99 -21.27 4.55
N GLU A 22 33.65 -21.15 4.59
CA GLU A 22 32.71 -21.72 3.58
C GLU A 22 33.02 -21.09 2.22
N ASP A 23 32.75 -21.80 1.12
CA ASP A 23 32.97 -21.30 -0.27
C ASP A 23 32.23 -19.96 -0.45
N GLU A 24 30.99 -19.86 0.04
CA GLU A 24 30.09 -18.69 -0.13
C GLU A 24 30.68 -17.48 0.58
N TYR A 25 31.33 -17.69 1.72
CA TYR A 25 32.01 -16.63 2.53
C TYR A 25 33.27 -16.15 1.80
N VAL A 26 34.10 -17.09 1.31
CA VAL A 26 35.39 -16.79 0.61
C VAL A 26 35.07 -16.04 -0.70
N ALA A 27 33.93 -16.35 -1.33
CA ALA A 27 33.42 -15.65 -2.54
C ALA A 27 33.30 -14.15 -2.23
N ILE A 28 32.73 -13.80 -1.08
CA ILE A 28 32.56 -12.40 -0.59
C ILE A 28 33.95 -11.77 -0.42
N LEU A 29 34.83 -12.42 0.35
CA LEU A 29 36.18 -11.90 0.71
C LEU A 29 36.99 -11.64 -0.56
N ASP A 30 36.94 -12.57 -1.53
CA ASP A 30 37.64 -12.46 -2.85
C ASP A 30 37.12 -11.23 -3.60
N ALA A 31 35.79 -11.09 -3.70
CA ALA A 31 35.10 -9.99 -4.39
C ALA A 31 35.49 -8.66 -3.74
N LEU A 32 35.50 -8.58 -2.41
CA LEU A 32 35.88 -7.36 -1.64
C LEU A 32 37.33 -6.99 -1.94
N GLU A 33 38.23 -7.97 -2.00
CA GLU A 33 39.67 -7.78 -2.30
C GLU A 33 39.81 -7.22 -3.72
N GLU A 34 39.05 -7.78 -4.67
CA GLU A 34 39.03 -7.35 -6.10
C GLU A 34 38.58 -5.88 -6.18
N TYR A 35 37.53 -5.50 -5.43
CA TYR A 35 36.95 -4.13 -5.40
C TYR A 35 38.03 -3.11 -5.01
N HIS A 36 38.91 -3.46 -4.05
CA HIS A 36 39.99 -2.58 -3.54
C HIS A 36 41.19 -2.55 -4.51
N ASN A 37 41.18 -3.39 -5.55
CA ASN A 37 42.18 -3.38 -6.64
C ASN A 37 41.53 -2.87 -7.94
N MET A 38 40.50 -2.02 -7.84
CA MET A 38 39.76 -1.50 -9.02
C MET A 38 39.96 0.02 -9.13
N SER A 39 41.11 0.52 -8.69
CA SER A 39 41.46 1.97 -8.68
C SER A 39 41.24 2.59 -10.06
N GLU A 40 41.69 1.92 -11.12
CA GLU A 40 41.71 2.45 -12.51
C GLU A 40 40.49 1.99 -13.32
N ASN A 41 39.45 1.46 -12.65
CA ASN A 41 38.17 1.06 -13.30
C ASN A 41 37.19 2.24 -13.27
N THR A 42 36.16 2.20 -14.10
CA THR A 42 35.09 3.25 -14.16
C THR A 42 34.21 3.16 -12.91
N VAL A 43 33.47 4.24 -12.63
CA VAL A 43 32.57 4.36 -11.46
C VAL A 43 31.47 3.28 -11.55
N VAL A 44 30.94 3.03 -12.75
CA VAL A 44 29.85 2.02 -12.99
C VAL A 44 30.42 0.62 -12.74
N GLU A 45 31.62 0.33 -13.24
CA GLU A 45 32.34 -0.95 -13.02
C GLU A 45 32.46 -1.19 -11.50
N LYS A 46 32.89 -0.17 -10.75
CA LYS A 46 33.03 -0.22 -9.27
C LYS A 46 31.66 -0.48 -8.63
N TYR A 47 30.59 0.13 -9.14
CA TYR A 47 29.22 -0.03 -8.59
C TYR A 47 28.73 -1.46 -8.84
N LEU A 48 28.96 -1.99 -10.05
CA LEU A 48 28.54 -3.35 -10.45
C LEU A 48 29.27 -4.39 -9.59
N LYS A 49 30.52 -4.11 -9.20
CA LYS A 49 31.31 -4.96 -8.26
C LYS A 49 30.64 -4.95 -6.89
N LEU A 50 30.29 -3.76 -6.38
CA LEU A 50 29.59 -3.60 -5.06
C LEU A 50 28.26 -4.36 -5.10
N LYS A 51 27.59 -4.38 -6.25
CA LYS A 51 26.32 -5.13 -6.47
C LYS A 51 26.59 -6.63 -6.27
N ASP A 52 27.59 -7.18 -6.98
CA ASP A 52 28.01 -8.60 -6.86
C ASP A 52 28.26 -8.92 -5.38
N ILE A 53 29.07 -8.11 -4.69
CA ILE A 53 29.46 -8.31 -3.27
C ILE A 53 28.19 -8.40 -2.42
N ASN A 54 27.20 -7.53 -2.68
CA ASN A 54 25.89 -7.53 -1.97
C ASN A 54 25.16 -8.85 -2.24
N SER A 55 25.05 -9.25 -3.52
CA SER A 55 24.37 -10.50 -3.94
C SER A 55 25.01 -11.70 -3.24
N LEU A 56 26.34 -11.78 -3.29
CA LEU A 56 27.16 -12.88 -2.68
C LEU A 56 26.90 -12.92 -1.17
N THR A 57 26.82 -11.77 -0.52
CA THR A 57 26.55 -11.63 0.94
C THR A 57 25.14 -12.16 1.26
N ASP A 58 24.16 -11.87 0.40
CA ASP A 58 22.76 -12.35 0.55
C ASP A 58 22.74 -13.88 0.35
N ILE A 59 23.40 -14.37 -0.69
CA ILE A 59 23.55 -15.83 -0.99
C ILE A 59 24.06 -16.55 0.27
N TYR A 60 25.03 -15.96 0.99
CA TYR A 60 25.60 -16.54 2.24
C TYR A 60 24.53 -16.61 3.32
N ILE A 61 23.97 -15.45 3.69
CA ILE A 61 22.99 -15.30 4.81
C ILE A 61 21.78 -16.22 4.55
N ASP A 62 21.47 -16.48 3.28
CA ASP A 62 20.35 -17.36 2.85
C ASP A 62 20.76 -18.84 2.98
N THR A 63 22.03 -19.17 2.71
CA THR A 63 22.57 -20.56 2.76
C THR A 63 22.76 -21.00 4.21
N TYR A 64 23.37 -20.16 5.05
CA TYR A 64 23.72 -20.45 6.46
C TYR A 64 22.90 -19.56 7.39
N LYS A 65 21.62 -19.92 7.55
CA LYS A 65 20.56 -19.08 8.16
C LYS A 65 20.88 -18.76 9.63
N LYS A 66 21.56 -19.66 10.35
CA LYS A 66 21.86 -19.52 11.81
C LYS A 66 23.36 -19.30 12.04
N SER A 67 24.08 -18.73 11.07
CA SER A 67 25.56 -18.55 11.10
C SER A 67 25.94 -17.37 12.01
N GLY A 68 27.02 -17.55 12.78
CA GLY A 68 27.61 -16.50 13.64
C GLY A 68 28.23 -15.37 12.83
N ARG A 69 28.42 -15.57 11.51
CA ARG A 69 28.93 -14.53 10.57
C ARG A 69 27.83 -13.53 10.23
N ASN A 70 26.55 -13.94 10.29
CA ASN A 70 25.39 -13.24 9.68
C ASN A 70 25.27 -11.81 10.23
N LYS A 71 25.42 -11.63 11.54
CA LYS A 71 25.31 -10.30 12.22
C LYS A 71 26.30 -9.32 11.56
N ALA A 72 27.57 -9.71 11.45
CA ALA A 72 28.67 -8.90 10.89
C ALA A 72 28.45 -8.68 9.38
N LEU A 73 27.87 -9.65 8.68
CA LEU A 73 27.61 -9.56 7.22
C LEU A 73 26.42 -8.60 6.96
N LYS A 74 25.46 -8.53 7.89
CA LYS A 74 24.33 -7.56 7.84
C LYS A 74 24.86 -6.14 8.06
N LYS A 75 25.86 -5.99 8.94
CA LYS A 75 26.57 -4.71 9.17
C LYS A 75 27.36 -4.34 7.91
N PHE A 76 27.92 -5.33 7.21
CA PHE A 76 28.77 -5.14 5.99
C PHE A 76 27.88 -4.65 4.83
N LYS A 77 26.69 -5.23 4.68
CA LYS A 77 25.67 -4.81 3.68
C LYS A 77 25.35 -3.32 3.86
N GLU A 78 25.35 -2.82 5.10
CA GLU A 78 25.12 -1.39 5.42
C GLU A 78 26.32 -0.56 4.93
N TYR A 79 27.55 -1.03 5.14
CA TYR A 79 28.80 -0.34 4.73
C TYR A 79 28.87 -0.25 3.19
N LEU A 80 28.29 -1.23 2.49
CA LEU A 80 28.21 -1.26 1.00
C LEU A 80 27.38 -0.07 0.52
N VAL A 81 26.23 0.18 1.17
CA VAL A 81 25.30 1.30 0.83
C VAL A 81 26.05 2.63 1.02
N THR A 82 26.71 2.82 2.17
CA THR A 82 27.56 4.00 2.47
C THR A 82 28.64 4.18 1.39
N GLU A 83 29.18 3.07 0.86
CA GLU A 83 30.26 3.09 -0.15
C GLU A 83 29.68 3.51 -1.51
N VAL A 84 28.43 3.17 -1.82
CA VAL A 84 27.71 3.64 -3.04
C VAL A 84 27.65 5.17 -3.01
N LEU A 85 27.22 5.75 -1.89
CA LEU A 85 27.06 7.22 -1.70
C LEU A 85 28.45 7.90 -1.76
N GLU A 86 29.46 7.31 -1.13
CA GLU A 86 30.84 7.83 -1.14
C GLU A 86 31.42 7.78 -2.57
N LEU A 87 31.12 6.70 -3.30
CA LEU A 87 31.53 6.49 -4.71
C LEU A 87 30.88 7.55 -5.61
N LYS A 88 29.64 7.91 -5.30
CA LYS A 88 28.80 8.87 -6.07
C LYS A 88 29.29 10.31 -5.82
N ASN A 89 29.62 10.64 -4.57
CA ASN A 89 29.98 12.02 -4.13
C ASN A 89 31.42 12.37 -4.51
N ASN A 90 32.32 11.40 -4.66
CA ASN A 90 33.79 11.65 -4.75
C ASN A 90 34.34 11.46 -6.17
N ASN A 91 33.57 10.88 -7.09
CA ASN A 91 34.00 10.63 -8.50
C ASN A 91 32.94 11.23 -9.43
N LEU A 92 33.21 12.45 -9.92
CA LEU A 92 32.29 13.27 -10.75
C LEU A 92 32.93 13.56 -12.11
N THR A 93 32.20 13.36 -13.20
CA THR A 93 32.61 13.74 -14.58
C THR A 93 31.81 14.96 -15.01
N PRO A 94 32.32 15.74 -15.99
CA PRO A 94 31.54 16.85 -16.57
C PRO A 94 30.16 16.45 -17.07
N VAL A 95 29.16 17.31 -16.85
CA VAL A 95 27.81 17.20 -17.45
C VAL A 95 27.85 17.84 -18.84
N GLU A 96 27.39 17.12 -19.87
CA GLU A 96 27.33 17.63 -21.26
C GLU A 96 26.50 18.93 -21.22
N LYS A 97 26.99 19.98 -21.87
CA LYS A 97 26.36 21.33 -21.84
C LYS A 97 25.21 21.36 -22.85
N ASN A 98 24.14 20.63 -22.51
CA ASN A 98 22.85 20.60 -23.26
C ASN A 98 21.74 21.01 -22.29
N LEU A 99 20.84 21.90 -22.73
CA LEU A 99 19.54 22.16 -22.06
C LEU A 99 18.44 21.52 -22.90
N HIS A 100 17.74 20.54 -22.34
CA HIS A 100 16.64 19.79 -23.01
C HIS A 100 15.30 20.36 -22.54
N PHE A 101 14.52 20.92 -23.47
CA PHE A 101 13.10 21.30 -23.29
C PHE A 101 12.25 20.38 -24.16
N VAL A 102 10.99 20.18 -23.78
CA VAL A 102 10.00 19.38 -24.55
C VAL A 102 8.73 20.23 -24.73
N TRP A 103 8.29 20.41 -25.97
CA TRP A 103 6.90 20.83 -26.29
C TRP A 103 6.36 20.04 -27.47
N ILE A 104 5.43 19.11 -27.21
CA ILE A 104 4.83 18.17 -28.20
C ILE A 104 3.31 18.36 -28.20
N GLY A 105 2.65 18.05 -29.32
CA GLY A 105 1.18 18.00 -29.42
C GLY A 105 0.58 19.21 -30.09
N GLY A 106 1.34 20.30 -30.24
CA GLY A 106 0.82 21.52 -30.89
C GLY A 106 1.85 22.62 -30.95
N GLN A 107 1.44 23.79 -31.46
CA GLN A 107 2.27 25.00 -31.60
C GLN A 107 2.82 25.38 -30.22
N ILE A 108 4.12 25.61 -30.12
CA ILE A 108 4.76 26.17 -28.89
C ILE A 108 4.29 27.62 -28.76
N ASN A 109 3.86 28.01 -27.56
CA ASN A 109 3.35 29.36 -27.21
C ASN A 109 4.52 30.33 -27.04
N ASP A 110 4.30 31.62 -27.24
CA ASP A 110 5.31 32.70 -27.03
C ASP A 110 5.76 32.73 -25.56
N THR A 111 4.90 32.30 -24.63
CA THR A 111 5.22 32.25 -23.18
C THR A 111 6.33 31.23 -22.92
N ALA A 112 6.26 30.07 -23.58
CA ALA A 112 7.27 28.99 -23.47
C ALA A 112 8.61 29.51 -24.01
N ILE A 113 8.62 30.08 -25.22
CA ILE A 113 9.83 30.59 -25.91
C ILE A 113 10.49 31.64 -25.02
N ASN A 114 9.71 32.57 -24.46
CA ASN A 114 10.20 33.72 -23.66
C ASN A 114 10.90 33.19 -22.40
N TYR A 115 10.41 32.11 -21.79
CA TYR A 115 11.04 31.43 -20.63
C TYR A 115 12.35 30.74 -21.09
N ILE A 116 12.28 29.99 -22.20
CA ILE A 116 13.45 29.28 -22.79
C ILE A 116 14.55 30.32 -23.05
N ASN A 117 14.18 31.48 -23.59
CA ASN A 117 15.12 32.54 -24.02
C ASN A 117 15.91 33.07 -22.81
N GLN A 118 15.31 33.11 -21.61
CA GLN A 118 16.02 33.50 -20.37
C GLN A 118 17.20 32.56 -20.15
N TRP A 119 16.97 31.25 -20.29
CA TRP A 119 18.01 30.20 -20.13
C TRP A 119 19.11 30.39 -21.16
N LYS A 120 18.74 30.66 -22.41
CA LYS A 120 19.67 30.89 -23.55
C LYS A 120 20.57 32.09 -23.24
N ASP A 121 19.98 33.21 -22.80
CA ASP A 121 20.68 34.52 -22.62
C ASP A 121 21.77 34.40 -21.57
N VAL A 122 21.61 33.50 -20.60
CA VAL A 122 22.46 33.41 -19.37
C VAL A 122 23.32 32.14 -19.42
N ASN A 123 23.16 31.32 -20.47
CA ASN A 123 23.92 30.06 -20.70
C ASN A 123 24.34 29.97 -22.17
N SER A 124 25.11 30.96 -22.64
CA SER A 124 25.57 31.07 -24.05
C SER A 124 26.55 29.93 -24.39
N ASP A 125 27.04 29.19 -23.39
CA ASP A 125 27.96 28.03 -23.58
C ASP A 125 27.17 26.71 -23.67
N TYR A 126 25.84 26.75 -23.60
CA TYR A 126 24.97 25.55 -23.66
C TYR A 126 24.31 25.45 -25.04
N ASN A 127 24.31 24.25 -25.59
CA ASN A 127 23.42 23.83 -26.70
C ASN A 127 22.00 23.68 -26.13
N VAL A 128 20.99 24.17 -26.84
CA VAL A 128 19.57 24.08 -26.43
C VAL A 128 18.81 23.21 -27.45
N ASN A 129 18.19 22.13 -26.97
CA ASN A 129 17.23 21.29 -27.72
C ASN A 129 15.83 21.59 -27.18
N VAL A 130 14.92 22.08 -28.03
CA VAL A 130 13.46 22.13 -27.74
C VAL A 130 12.82 20.98 -28.53
N PHE A 131 12.65 19.82 -27.90
CA PHE A 131 12.10 18.60 -28.54
C PHE A 131 10.64 18.83 -28.92
N TYR A 132 10.30 18.50 -30.16
CA TYR A 132 8.91 18.48 -30.70
C TYR A 132 8.71 17.18 -31.48
N ASP A 133 7.45 16.88 -31.82
CA ASP A 133 7.08 15.70 -32.65
C ASP A 133 6.51 16.26 -33.96
N SER A 134 7.28 16.16 -35.04
CA SER A 134 6.94 16.70 -36.38
C SER A 134 5.69 16.02 -36.92
N ASN A 135 5.31 14.86 -36.35
CA ASN A 135 4.18 14.01 -36.83
C ASN A 135 2.90 14.29 -36.05
N ALA A 136 2.96 15.01 -34.92
CA ALA A 136 1.85 15.11 -33.94
C ALA A 136 1.62 16.56 -33.48
N PHE A 137 1.49 17.49 -34.43
CA PHE A 137 1.18 18.92 -34.16
C PHE A 137 -0.32 19.11 -33.88
N LEU A 138 -1.17 18.11 -34.15
CA LEU A 138 -2.66 18.26 -34.09
C LEU A 138 -3.28 17.52 -32.90
N ILE A 139 -2.48 16.98 -31.99
CA ILE A 139 -3.00 16.22 -30.80
C ILE A 139 -3.78 17.18 -29.90
N ASN A 140 -3.21 18.34 -29.60
CA ASN A 140 -3.81 19.35 -28.70
C ASN A 140 -5.12 19.87 -29.32
N THR A 141 -5.16 20.07 -30.65
CA THR A 141 -6.38 20.48 -31.40
C THR A 141 -7.43 19.36 -31.32
N LEU A 142 -7.00 18.10 -31.37
CA LEU A 142 -7.91 16.92 -31.29
C LEU A 142 -8.51 16.84 -29.88
N LYS A 143 -7.66 16.91 -28.84
CA LYS A 143 -8.11 16.85 -27.42
C LYS A 143 -9.13 17.97 -27.17
N LYS A 144 -8.82 19.20 -27.60
CA LYS A 144 -9.65 20.41 -27.37
C LYS A 144 -11.00 20.26 -28.10
N THR A 145 -10.99 19.79 -29.35
CA THR A 145 -12.21 19.62 -30.20
C THR A 145 -13.16 18.62 -29.54
N VAL A 146 -12.61 17.47 -29.10
CA VAL A 146 -13.39 16.34 -28.49
C VAL A 146 -13.97 16.78 -27.15
N VAL A 147 -13.18 17.48 -26.33
CA VAL A 147 -13.55 17.95 -24.96
C VAL A 147 -14.62 19.04 -25.08
N GLU A 148 -14.48 19.98 -26.02
CA GLU A 148 -15.46 21.09 -26.22
C GLU A 148 -16.78 20.52 -26.75
N SER A 149 -16.75 19.51 -27.63
CA SER A 149 -17.94 18.79 -28.14
C SER A 149 -18.60 18.01 -27.00
N ALA A 150 -17.80 17.41 -26.12
CA ALA A 150 -18.25 16.64 -24.93
C ALA A 150 -18.92 17.59 -23.93
N ILE A 151 -18.39 18.82 -23.79
CA ILE A 151 -18.96 19.90 -22.93
C ILE A 151 -20.36 20.24 -23.44
N ASN A 152 -20.47 20.56 -24.73
CA ASN A 152 -21.75 20.98 -25.38
C ASN A 152 -22.78 19.85 -25.26
N ASP A 153 -22.37 18.60 -25.53
CA ASP A 153 -23.25 17.40 -25.43
C ASP A 153 -23.77 17.24 -24.00
N THR A 154 -22.93 17.54 -22.99
CA THR A 154 -23.25 17.40 -21.55
C THR A 154 -24.21 18.51 -21.10
N LEU A 155 -23.87 19.78 -21.37
CA LEU A 155 -24.66 20.97 -20.95
C LEU A 155 -26.06 20.92 -21.59
N GLU A 156 -26.17 20.44 -22.83
CA GLU A 156 -27.46 20.27 -23.55
C GLU A 156 -28.34 19.28 -22.77
N SER A 157 -27.76 18.15 -22.35
CA SER A 157 -28.39 17.12 -21.50
C SER A 157 -28.81 17.68 -20.13
N PHE A 158 -28.28 18.85 -19.73
CA PHE A 158 -28.58 19.54 -18.46
C PHE A 158 -29.74 20.54 -18.61
N ARG A 159 -29.98 21.04 -19.82
CA ARG A 159 -30.87 22.20 -20.14
C ARG A 159 -32.01 22.36 -19.13
N GLU A 160 -32.90 21.36 -19.04
CA GLU A 160 -34.15 21.43 -18.24
C GLU A 160 -33.80 21.37 -16.75
N ASN A 161 -33.15 20.29 -16.31
CA ASN A 161 -32.86 19.98 -14.89
C ASN A 161 -31.64 20.77 -14.42
N LEU A 162 -31.59 22.07 -14.74
CA LEU A 162 -30.37 22.93 -14.64
C LEU A 162 -30.35 23.64 -13.28
N ASN A 163 -31.44 24.31 -12.93
CA ASN A 163 -31.60 25.08 -11.67
C ASN A 163 -31.45 24.14 -10.45
N ASP A 164 -31.70 22.85 -10.63
CA ASP A 164 -31.58 21.78 -9.60
C ASP A 164 -30.13 21.68 -9.13
N PRO A 165 -29.85 21.85 -7.81
CA PRO A 165 -28.51 21.66 -7.25
C PRO A 165 -27.91 20.25 -7.35
N ARG A 166 -28.71 19.24 -7.73
CA ARG A 166 -28.22 17.86 -7.99
C ARG A 166 -27.35 17.84 -9.25
N PHE A 167 -27.56 18.79 -10.18
CA PHE A 167 -26.77 18.97 -11.42
C PHE A 167 -25.62 19.94 -11.14
N ASP A 168 -24.69 19.54 -10.26
CA ASP A 168 -23.53 20.36 -9.82
C ASP A 168 -22.36 20.14 -10.78
N TYR A 169 -21.17 20.65 -10.44
CA TYR A 169 -19.93 20.54 -11.24
C TYR A 169 -19.47 19.08 -11.25
N ASN A 170 -19.65 18.35 -10.15
CA ASN A 170 -19.24 16.92 -10.00
C ASN A 170 -20.02 16.06 -11.01
N LYS A 171 -21.34 16.28 -11.11
CA LYS A 171 -22.23 15.54 -12.03
C LYS A 171 -21.81 15.83 -13.49
N PHE A 172 -21.50 17.09 -13.80
CA PHE A 172 -21.08 17.56 -15.14
C PHE A 172 -19.85 16.77 -15.61
N PHE A 173 -18.82 16.67 -14.77
CA PHE A 173 -17.51 16.07 -15.13
C PHE A 173 -17.65 14.55 -15.21
N ARG A 174 -18.53 13.92 -14.41
CA ARG A 174 -18.80 12.46 -14.45
C ARG A 174 -19.51 12.09 -15.75
N LYS A 175 -20.52 12.87 -16.15
CA LYS A 175 -21.32 12.65 -17.39
C LYS A 175 -20.48 12.99 -18.63
N ARG A 176 -19.71 14.07 -18.57
CA ARG A 176 -18.82 14.51 -19.67
C ARG A 176 -17.74 13.45 -19.92
N MET A 177 -17.25 12.82 -18.85
CA MET A 177 -16.20 11.77 -18.93
C MET A 177 -16.71 10.60 -19.76
N GLU A 178 -17.96 10.18 -19.55
CA GLU A 178 -18.61 9.07 -20.30
C GLU A 178 -18.55 9.37 -21.81
N ILE A 179 -18.84 10.63 -22.19
CA ILE A 179 -18.89 11.09 -23.61
C ILE A 179 -17.46 11.24 -24.15
N ILE A 180 -16.52 11.76 -23.35
CA ILE A 180 -15.09 11.91 -23.76
C ILE A 180 -14.54 10.52 -24.09
N TYR A 181 -14.82 9.53 -23.22
CA TYR A 181 -14.37 8.11 -23.39
C TYR A 181 -14.86 7.54 -24.72
N ASP A 182 -16.15 7.70 -25.02
CA ASP A 182 -16.77 7.21 -26.28
C ASP A 182 -16.08 7.85 -27.49
N LYS A 183 -15.84 9.17 -27.44
CA LYS A 183 -15.19 9.96 -28.52
C LYS A 183 -13.72 9.55 -28.65
N GLN A 184 -13.02 9.32 -27.53
CA GLN A 184 -11.63 8.79 -27.48
C GLN A 184 -11.58 7.42 -28.19
N LYS A 185 -12.41 6.48 -27.73
CA LYS A 185 -12.49 5.10 -28.29
C LYS A 185 -12.73 5.19 -29.79
N ASN A 186 -13.66 6.05 -30.23
CA ASN A 186 -14.00 6.27 -31.66
C ASN A 186 -12.74 6.67 -32.43
N PHE A 187 -11.96 7.61 -31.91
CA PHE A 187 -10.72 8.10 -32.54
C PHE A 187 -9.67 6.99 -32.59
N ILE A 188 -9.41 6.33 -31.47
CA ILE A 188 -8.37 5.26 -31.33
C ILE A 188 -8.70 4.14 -32.32
N ASN A 189 -9.99 3.78 -32.45
CA ASN A 189 -10.47 2.74 -33.40
C ASN A 189 -10.17 3.19 -34.83
N TYR A 190 -10.46 4.46 -35.16
CA TYR A 190 -10.16 5.06 -36.49
C TYR A 190 -8.66 5.04 -36.74
N TYR A 191 -7.86 5.52 -35.78
CA TYR A 191 -6.38 5.57 -35.86
C TYR A 191 -5.84 4.19 -36.26
N LYS A 192 -6.29 3.15 -35.55
CA LYS A 192 -5.84 1.74 -35.74
C LYS A 192 -6.29 1.23 -37.11
N ALA A 193 -7.56 1.49 -37.49
CA ALA A 193 -8.12 1.14 -38.82
C ALA A 193 -7.25 1.73 -39.92
N GLN A 194 -6.92 3.02 -39.83
CA GLN A 194 -6.10 3.76 -40.82
C GLN A 194 -4.67 3.22 -40.85
N ARG A 195 -4.15 2.77 -39.70
CA ARG A 195 -2.75 2.27 -39.55
C ARG A 195 -2.59 0.89 -40.20
N GLU A 196 -3.64 0.05 -40.20
CA GLU A 196 -3.67 -1.27 -40.88
C GLU A 196 -3.87 -1.09 -42.39
N GLU A 197 -4.70 -0.12 -42.78
CA GLU A 197 -5.02 0.21 -44.19
C GLU A 197 -3.78 0.78 -44.89
N ASN A 198 -3.01 1.62 -44.18
CA ASN A 198 -1.83 2.35 -44.72
C ASN A 198 -0.87 2.67 -43.59
N PRO A 199 0.15 1.81 -43.33
CA PRO A 199 1.11 2.07 -42.24
C PRO A 199 2.02 3.28 -42.49
N GLU A 200 2.01 3.83 -43.71
CA GLU A 200 2.82 5.02 -44.14
C GLU A 200 2.26 6.29 -43.48
N LEU A 201 0.94 6.39 -43.30
CA LEU A 201 0.26 7.57 -42.72
C LEU A 201 0.91 7.93 -41.38
N ILE A 202 1.14 9.21 -41.14
CA ILE A 202 1.67 9.75 -39.85
C ILE A 202 0.47 10.24 -39.02
N ILE A 203 0.71 10.55 -37.74
CA ILE A 203 -0.37 10.87 -36.76
C ILE A 203 -1.23 12.01 -37.31
N ASP A 204 -0.60 13.11 -37.76
CA ASP A 204 -1.30 14.35 -38.19
C ASP A 204 -2.14 14.10 -39.46
N ASP A 205 -1.73 13.16 -40.32
CA ASP A 205 -2.52 12.75 -41.52
C ASP A 205 -3.86 12.17 -41.05
N ILE A 206 -3.81 11.27 -40.06
CA ILE A 206 -4.99 10.55 -39.52
C ILE A 206 -5.85 11.53 -38.73
N VAL A 207 -5.24 12.35 -37.87
CA VAL A 207 -5.97 13.31 -36.98
C VAL A 207 -6.77 14.29 -37.84
N LYS A 208 -6.16 14.89 -38.87
CA LYS A 208 -6.80 15.96 -39.67
C LYS A 208 -7.93 15.36 -40.51
N THR A 209 -7.78 14.12 -40.99
CA THR A 209 -8.86 13.41 -41.74
C THR A 209 -10.01 13.08 -40.77
N TYR A 210 -9.68 12.65 -39.53
CA TYR A 210 -10.68 12.38 -38.47
C TYR A 210 -11.47 13.66 -38.17
N LEU A 211 -10.78 14.79 -38.02
CA LEU A 211 -11.37 16.09 -37.64
C LEU A 211 -12.24 16.63 -38.80
N SER A 212 -11.84 16.37 -40.04
CA SER A 212 -12.63 16.69 -41.27
C SER A 212 -13.92 15.85 -41.28
N ASN A 213 -13.81 14.55 -41.02
CA ASN A 213 -14.94 13.57 -41.07
C ASN A 213 -15.95 13.89 -39.96
N GLU A 214 -15.49 13.97 -38.71
CA GLU A 214 -16.35 13.92 -37.49
C GLU A 214 -16.75 15.32 -37.02
N TYR A 215 -15.94 16.35 -37.29
CA TYR A 215 -16.11 17.72 -36.70
C TYR A 215 -16.04 18.80 -37.78
N SER A 216 -16.21 18.44 -39.05
CA SER A 216 -16.30 19.35 -40.23
C SER A 216 -15.20 20.42 -40.19
N LYS A 217 -13.97 20.05 -39.80
CA LYS A 217 -12.79 20.95 -39.81
C LYS A 217 -12.17 20.95 -41.21
N GLU A 218 -11.67 22.10 -41.66
CA GLU A 218 -11.04 22.29 -42.98
C GLU A 218 -9.60 21.77 -42.92
N ILE A 219 -9.27 20.83 -43.81
CA ILE A 219 -7.92 20.20 -43.88
C ILE A 219 -6.89 21.26 -44.25
N ASP A 220 -7.28 22.25 -45.07
CA ASP A 220 -6.42 23.37 -45.53
C ASP A 220 -5.97 24.22 -44.35
N GLU A 221 -6.88 24.50 -43.41
CA GLU A 221 -6.62 25.32 -42.19
C GLU A 221 -5.68 24.55 -41.27
N LEU A 222 -5.90 23.24 -41.15
CA LEU A 222 -5.12 22.32 -40.29
C LEU A 222 -3.70 22.17 -40.85
N ASN A 223 -3.55 22.13 -42.19
CA ASN A 223 -2.24 22.12 -42.88
C ASN A 223 -1.50 23.44 -42.61
N THR A 224 -2.20 24.57 -42.62
CA THR A 224 -1.61 25.92 -42.36
C THR A 224 -1.10 25.96 -40.92
N TYR A 225 -1.88 25.45 -39.96
CA TYR A 225 -1.52 25.41 -38.52
C TYR A 225 -0.23 24.59 -38.33
N ILE A 226 -0.15 23.43 -38.98
CA ILE A 226 1.05 22.55 -38.94
C ILE A 226 2.25 23.34 -39.49
N GLU A 227 2.06 24.00 -40.64
CA GLU A 227 3.11 24.79 -41.35
C GLU A 227 3.66 25.86 -40.39
N GLU A 228 2.76 26.67 -39.81
CA GLU A 228 3.11 27.79 -38.91
C GLU A 228 3.82 27.25 -37.66
N SER A 229 3.29 26.18 -37.07
CA SER A 229 3.83 25.53 -35.85
C SER A 229 5.23 24.99 -36.13
N LEU A 230 5.39 24.28 -37.27
CA LEU A 230 6.67 23.66 -37.67
C LEU A 230 7.71 24.75 -37.95
N ASN A 231 7.30 25.83 -38.62
CA ASN A 231 8.17 27.01 -38.91
C ASN A 231 8.63 27.63 -37.58
N LYS A 232 7.72 27.77 -36.61
CA LYS A 232 7.98 28.47 -35.33
C LYS A 232 9.03 27.72 -34.51
N ILE A 233 8.83 26.42 -34.31
CA ILE A 233 9.75 25.55 -33.51
C ILE A 233 11.09 25.41 -34.26
N THR A 234 11.03 25.33 -35.59
CA THR A 234 12.20 25.19 -36.50
C THR A 234 13.24 26.28 -36.19
N GLN A 235 12.80 27.51 -35.92
CA GLN A 235 13.70 28.67 -35.65
C GLN A 235 13.71 29.01 -34.15
N ASN A 236 13.42 28.02 -33.28
CA ASN A 236 13.58 28.13 -31.81
C ASN A 236 14.25 26.85 -31.30
N SER A 237 15.38 26.47 -31.90
CA SER A 237 16.25 25.34 -31.47
C SER A 237 15.48 24.01 -31.48
N GLY A 238 14.50 23.89 -32.38
CA GLY A 238 13.68 22.68 -32.56
C GLY A 238 14.54 21.45 -32.77
N ASN A 239 14.15 20.33 -32.14
CA ASN A 239 14.83 19.00 -32.25
C ASN A 239 13.75 17.93 -32.38
N ASP A 240 13.69 17.25 -33.52
CA ASP A 240 12.54 16.39 -33.90
C ASP A 240 12.69 14.99 -33.28
N VAL A 241 11.67 14.59 -32.50
CA VAL A 241 11.55 13.24 -31.89
C VAL A 241 11.65 12.18 -33.01
N ARG A 242 11.08 12.47 -34.19
CA ARG A 242 11.04 11.56 -35.36
C ARG A 242 12.44 11.41 -35.98
N ASN A 243 13.45 12.14 -35.48
CA ASN A 243 14.88 11.98 -35.88
C ASN A 243 15.68 11.40 -34.70
N PHE A 244 15.01 11.05 -33.60
CA PHE A 244 15.66 10.51 -32.37
C PHE A 244 15.55 8.99 -32.41
N GLU A 245 16.49 8.35 -33.12
CA GLU A 245 16.43 6.92 -33.52
C GLU A 245 16.50 6.02 -32.27
N GLU A 246 17.39 6.32 -31.33
CA GLU A 246 17.62 5.50 -30.11
C GLU A 246 16.28 5.39 -29.35
N PHE A 247 15.56 6.49 -29.24
CA PHE A 247 14.21 6.60 -28.61
C PHE A 247 13.20 5.78 -29.43
N LYS A 248 13.18 5.95 -30.75
CA LYS A 248 12.19 5.33 -31.67
C LYS A 248 12.34 3.80 -31.68
N ASN A 249 13.58 3.30 -31.57
CA ASN A 249 13.91 1.86 -31.66
C ASN A 249 13.86 1.21 -30.28
N GLY A 250 13.71 2.02 -29.23
CA GLY A 250 13.72 1.58 -27.81
C GLY A 250 12.36 1.06 -27.37
N GLU A 251 12.31 0.55 -26.13
CA GLU A 251 11.15 -0.18 -25.56
C GLU A 251 10.08 0.80 -25.05
N SER A 252 10.39 2.10 -24.99
CA SER A 252 9.53 3.15 -24.39
C SER A 252 8.71 3.89 -25.46
N PHE A 253 9.07 3.79 -26.74
CA PHE A 253 8.41 4.55 -27.84
C PHE A 253 6.92 4.17 -27.95
N ASN A 254 6.55 2.91 -27.72
CA ASN A 254 5.14 2.45 -27.77
C ASN A 254 4.36 3.11 -26.61
N LEU A 255 5.03 3.37 -25.49
CA LEU A 255 4.44 4.03 -24.29
C LEU A 255 4.26 5.53 -24.59
N TYR A 256 5.28 6.16 -25.17
CA TYR A 256 5.27 7.57 -25.63
C TYR A 256 4.06 7.77 -26.55
N GLU A 257 3.84 6.86 -27.50
CA GLU A 257 2.74 6.98 -28.51
C GLU A 257 1.41 6.64 -27.83
N GLN A 258 1.39 5.75 -26.83
CA GLN A 258 0.19 5.44 -26.02
C GLN A 258 -0.33 6.76 -25.42
N GLU A 259 0.55 7.54 -24.80
CA GLU A 259 0.20 8.81 -24.10
C GLU A 259 -0.10 9.92 -25.12
N LEU A 260 0.69 10.00 -26.19
CA LEU A 260 0.52 11.03 -27.26
C LEU A 260 -0.80 10.81 -28.00
N VAL A 261 -1.10 9.58 -28.42
CA VAL A 261 -2.12 9.27 -29.46
C VAL A 261 -3.44 8.78 -28.83
N GLU A 262 -3.39 7.98 -27.77
CA GLU A 262 -4.59 7.35 -27.15
C GLU A 262 -5.08 8.20 -25.96
N ARG A 263 -4.18 8.60 -25.08
CA ARG A 263 -4.52 9.25 -23.78
C ARG A 263 -4.47 10.79 -23.89
N TRP A 264 -3.81 11.32 -24.93
CA TRP A 264 -3.63 12.77 -25.19
C TRP A 264 -3.03 13.43 -23.93
N ASN A 265 -2.07 12.75 -23.30
CA ASN A 265 -1.36 13.25 -22.10
C ASN A 265 0.08 13.60 -22.51
N LEU A 266 0.33 14.88 -22.79
CA LEU A 266 1.61 15.36 -23.35
C LEU A 266 2.64 15.50 -22.21
N ALA A 267 2.20 15.55 -20.95
CA ALA A 267 3.09 15.56 -19.76
C ALA A 267 3.69 14.17 -19.58
N ALA A 268 2.86 13.13 -19.72
CA ALA A 268 3.26 11.71 -19.63
C ALA A 268 4.26 11.39 -20.76
N ALA A 269 3.92 11.78 -21.99
CA ALA A 269 4.76 11.58 -23.19
C ALA A 269 6.09 12.33 -23.00
N SER A 270 6.04 13.54 -22.44
CA SER A 270 7.20 14.39 -22.09
C SER A 270 8.06 13.66 -21.03
N ASP A 271 7.43 13.03 -20.03
CA ASP A 271 8.12 12.26 -18.95
C ASP A 271 8.96 11.15 -19.59
N ILE A 272 8.41 10.45 -20.58
CA ILE A 272 9.02 9.27 -21.24
C ILE A 272 10.19 9.74 -22.12
N LEU A 273 10.00 10.85 -22.84
CA LEU A 273 11.00 11.46 -23.77
C LEU A 273 12.18 12.06 -23.00
N ARG A 274 11.92 12.87 -21.98
CA ARG A 274 12.96 13.67 -21.28
C ARG A 274 14.05 12.74 -20.75
N ILE A 275 13.68 11.58 -20.20
CA ILE A 275 14.65 10.65 -19.54
C ILE A 275 15.48 9.94 -20.62
N SER A 276 14.89 9.65 -21.78
CA SER A 276 15.62 9.10 -22.96
C SER A 276 16.66 10.12 -23.44
N ALA A 277 16.27 11.39 -23.56
CA ALA A 277 17.14 12.51 -23.99
C ALA A 277 18.37 12.60 -23.08
N LEU A 278 18.18 12.54 -21.77
CA LEU A 278 19.27 12.59 -20.76
C LEU A 278 20.18 11.36 -20.91
N LYS A 279 19.59 10.17 -21.06
CA LYS A 279 20.34 8.89 -21.19
C LYS A 279 21.21 8.90 -22.45
N GLU A 280 20.65 9.32 -23.59
CA GLU A 280 21.32 9.21 -24.92
C GLU A 280 22.25 10.40 -25.18
N ILE A 281 21.98 11.57 -24.59
CA ILE A 281 22.69 12.85 -24.91
C ILE A 281 23.40 13.41 -23.66
N GLY A 282 22.77 13.33 -22.49
CA GLY A 282 23.27 13.97 -21.26
C GLY A 282 22.93 15.46 -21.22
N GLY A 283 23.02 16.06 -20.04
CA GLY A 283 22.77 17.49 -19.83
C GLY A 283 21.71 17.72 -18.78
N MET A 284 20.92 18.79 -18.94
CA MET A 284 19.89 19.22 -17.97
C MET A 284 18.55 19.34 -18.70
N TYR A 285 17.52 18.62 -18.22
CA TYR A 285 16.12 18.79 -18.68
C TYR A 285 15.43 19.82 -17.79
N LEU A 286 14.64 20.71 -18.42
CA LEU A 286 13.83 21.74 -17.73
C LEU A 286 12.44 21.80 -18.39
N ASP A 287 11.38 21.78 -17.58
CA ASP A 287 10.00 22.09 -18.05
C ASP A 287 10.04 23.52 -18.61
N VAL A 288 9.19 23.80 -19.60
CA VAL A 288 9.12 25.12 -20.29
C VAL A 288 8.55 26.19 -19.35
N ASP A 289 8.13 25.83 -18.13
CA ASP A 289 7.60 26.79 -17.12
C ASP A 289 8.69 27.12 -16.08
N MET A 290 9.89 26.55 -16.19
CA MET A 290 11.01 26.81 -15.24
C MET A 290 11.84 27.99 -15.77
N LEU A 291 12.44 28.76 -14.85
CA LEU A 291 13.30 29.92 -15.19
C LEU A 291 14.65 29.74 -14.51
N PRO A 292 15.71 30.44 -14.96
CA PRO A 292 17.03 30.32 -14.33
C PRO A 292 16.99 30.68 -12.84
N GLY A 293 17.98 30.19 -12.09
CA GLY A 293 18.16 30.56 -10.68
C GLY A 293 18.43 32.05 -10.55
N ILE A 294 17.82 32.72 -9.57
CA ILE A 294 18.11 34.13 -9.20
C ILE A 294 19.46 34.15 -8.47
N GLN A 295 20.32 35.13 -8.80
CA GLN A 295 21.62 35.35 -8.10
C GLN A 295 21.35 35.37 -6.60
N PRO A 296 22.02 34.51 -5.80
CA PRO A 296 21.77 34.45 -4.35
C PRO A 296 21.85 35.80 -3.62
N ASP A 297 22.78 36.67 -4.04
CA ASP A 297 23.09 37.97 -3.36
C ASP A 297 22.06 39.05 -3.74
N LEU A 298 21.26 38.85 -4.79
CA LEU A 298 20.45 39.93 -5.42
C LEU A 298 19.57 40.62 -4.36
N PHE A 299 18.67 39.89 -3.70
CA PHE A 299 17.64 40.44 -2.77
C PHE A 299 18.00 40.14 -1.32
N GLU A 300 19.29 39.90 -1.06
CA GLU A 300 19.92 39.68 0.29
C GLU A 300 19.47 40.76 1.28
N SER A 301 19.39 42.02 0.85
CA SER A 301 19.15 43.21 1.69
C SER A 301 17.66 43.40 2.03
N ILE A 302 16.75 42.66 1.37
CA ILE A 302 15.28 42.78 1.52
C ILE A 302 14.74 41.63 2.38
N GLU A 303 14.29 41.93 3.60
CA GLU A 303 13.74 40.94 4.57
C GLU A 303 12.32 40.57 4.14
N LYS A 304 11.98 39.28 4.22
CA LYS A 304 10.62 38.76 3.93
C LYS A 304 9.68 39.22 5.05
N PRO A 305 8.61 39.97 4.73
CA PRO A 305 7.57 40.25 5.72
C PRO A 305 7.01 38.95 6.31
N SER A 306 6.68 38.95 7.61
CA SER A 306 5.95 37.83 8.26
C SER A 306 4.55 37.68 7.64
N SER A 307 4.05 38.74 7.01
CA SER A 307 2.67 38.88 6.45
C SER A 307 2.50 38.10 5.14
N VAL A 308 3.53 37.38 4.70
CA VAL A 308 3.60 36.79 3.32
C VAL A 308 4.26 35.40 3.45
N THR A 309 3.74 34.40 2.71
CA THR A 309 4.23 33.00 2.73
C THR A 309 5.58 32.92 2.02
N VAL A 310 6.30 31.81 2.20
CA VAL A 310 7.59 31.49 1.50
C VAL A 310 7.32 31.52 -0.02
N ASP A 311 6.27 30.82 -0.47
CA ASP A 311 5.90 30.70 -1.91
C ASP A 311 5.56 32.07 -2.49
N PHE A 312 4.80 32.89 -1.75
CA PHE A 312 4.41 34.27 -2.16
C PHE A 312 5.69 35.07 -2.44
N TRP A 313 6.65 35.01 -1.51
CA TRP A 313 7.91 35.79 -1.54
C TRP A 313 8.75 35.37 -2.77
N GLU A 314 8.90 34.07 -3.03
CA GLU A 314 9.65 33.54 -4.19
C GLU A 314 8.99 34.01 -5.50
N MET A 315 7.65 34.07 -5.54
CA MET A 315 6.90 34.53 -6.73
C MET A 315 7.17 36.03 -6.93
N THR A 316 7.12 36.84 -5.87
CA THR A 316 7.27 38.33 -5.97
C THR A 316 8.68 38.68 -6.46
N LYS A 317 9.70 37.91 -6.08
CA LYS A 317 11.10 38.09 -6.56
C LYS A 317 11.13 38.06 -8.09
N LEU A 318 10.53 37.03 -8.71
CA LEU A 318 10.47 36.91 -10.19
C LEU A 318 9.58 38.02 -10.75
N GLU A 319 8.49 38.37 -10.06
CA GLU A 319 7.53 39.40 -10.53
C GLU A 319 8.21 40.77 -10.53
N ALA A 320 8.98 41.05 -9.48
CA ALA A 320 9.78 42.29 -9.33
C ALA A 320 10.71 42.43 -10.55
N ILE A 321 11.54 41.42 -10.78
CA ILE A 321 12.51 41.37 -11.90
C ILE A 321 11.78 41.73 -13.21
N MET A 322 10.66 41.06 -13.48
CA MET A 322 9.94 41.16 -14.77
C MET A 322 9.16 42.48 -14.85
N LYS A 323 8.77 43.07 -13.71
CA LYS A 323 8.09 44.38 -13.67
C LYS A 323 9.04 45.48 -14.12
N TYR A 324 10.29 45.46 -13.62
CA TYR A 324 11.28 46.56 -13.77
C TYR A 324 12.25 46.31 -14.94
N LYS A 325 12.53 45.05 -15.30
CA LYS A 325 13.44 44.70 -16.42
C LYS A 325 12.65 44.28 -17.66
N GLU A 326 11.40 43.84 -17.48
CA GLU A 326 10.47 43.49 -18.60
C GLU A 326 11.11 42.46 -19.52
N TYR A 327 11.95 41.56 -18.99
CA TYR A 327 12.60 40.46 -19.75
C TYR A 327 11.54 39.56 -20.40
N ILE A 328 10.45 39.30 -19.69
CA ILE A 328 9.27 38.54 -20.20
C ILE A 328 8.08 39.49 -20.23
N PRO A 329 7.60 39.91 -21.42
CA PRO A 329 6.43 40.78 -21.51
C PRO A 329 5.18 40.09 -20.95
N GLU A 330 4.32 40.88 -20.29
CA GLU A 330 3.00 40.55 -19.68
C GLU A 330 3.12 39.42 -18.65
N TYR A 331 4.29 39.27 -18.03
CA TYR A 331 4.47 38.52 -16.76
C TYR A 331 3.66 39.22 -15.67
N THR A 332 2.94 38.45 -14.86
CA THR A 332 2.02 38.93 -13.80
C THR A 332 2.79 39.79 -12.78
N SER A 333 2.10 40.75 -12.16
CA SER A 333 2.56 41.51 -10.97
C SER A 333 1.58 41.31 -9.81
N GLU A 334 0.72 40.30 -9.92
CA GLU A 334 -0.41 40.04 -8.98
C GLU A 334 0.08 40.09 -7.53
N HIS A 335 1.20 39.42 -7.23
CA HIS A 335 1.73 39.25 -5.85
C HIS A 335 2.58 40.47 -5.46
N PHE A 336 3.42 40.96 -6.38
CA PHE A 336 4.27 42.15 -6.17
C PHE A 336 3.41 43.37 -5.82
N ASP A 337 2.26 43.53 -6.48
CA ASP A 337 1.36 44.70 -6.37
C ASP A 337 0.63 44.71 -5.03
N MET A 338 0.68 43.61 -4.27
CA MET A 338 0.04 43.49 -2.94
C MET A 338 1.00 43.93 -1.83
N LEU A 339 2.29 44.07 -2.13
CA LEU A 339 3.32 44.47 -1.14
C LEU A 339 3.11 45.92 -0.72
N ASP A 340 3.52 46.28 0.50
CA ASP A 340 3.55 47.68 0.99
C ASP A 340 4.52 48.46 0.11
N GLU A 341 4.23 49.74 -0.15
CA GLU A 341 4.98 50.63 -1.07
C GLU A 341 6.48 50.58 -0.74
N GLU A 342 6.83 50.58 0.55
CA GLU A 342 8.23 50.62 1.06
C GLU A 342 8.98 49.38 0.55
N VAL A 343 8.32 48.21 0.54
CA VAL A 343 8.90 46.91 0.12
C VAL A 343 9.07 46.91 -1.41
N GLN A 344 8.03 47.35 -2.15
CA GLN A 344 8.08 47.52 -3.63
C GLN A 344 9.27 48.41 -3.99
N SER A 345 9.44 49.52 -3.25
CA SER A 345 10.54 50.50 -3.43
C SER A 345 11.90 49.82 -3.26
N SER A 346 12.07 48.98 -2.23
CA SER A 346 13.29 48.20 -1.93
C SER A 346 13.69 47.37 -3.17
N PHE A 347 12.70 46.68 -3.77
CA PHE A 347 12.87 45.85 -4.98
C PHE A 347 13.33 46.71 -6.16
N GLU A 348 12.62 47.81 -6.44
CA GLU A 348 12.91 48.77 -7.54
C GLU A 348 14.35 49.28 -7.41
N SER A 349 14.73 49.71 -6.20
CA SER A 349 16.04 50.34 -5.90
C SER A 349 17.18 49.34 -6.15
N VAL A 350 16.99 48.08 -5.74
CA VAL A 350 17.99 46.98 -5.94
C VAL A 350 18.15 46.73 -7.44
N LEU A 351 17.04 46.59 -8.18
CA LEU A 351 17.02 46.22 -9.62
C LEU A 351 17.54 47.38 -10.48
N ALA A 352 17.34 48.62 -10.03
CA ALA A 352 17.84 49.85 -10.69
C ALA A 352 19.37 49.88 -10.70
N SER A 353 20.01 49.24 -9.71
CA SER A 353 21.49 49.19 -9.52
C SER A 353 22.12 48.06 -10.35
N LYS A 354 21.31 47.30 -11.11
CA LYS A 354 21.76 46.22 -12.02
C LYS A 354 21.50 46.63 -13.46
N SER A 355 22.46 46.40 -14.36
CA SER A 355 22.43 46.78 -15.80
C SER A 355 22.32 45.54 -16.70
N ASP A 356 22.96 44.43 -16.31
CA ASP A 356 23.07 43.21 -17.15
C ASP A 356 22.27 42.07 -16.52
N LYS A 357 21.71 41.20 -17.36
CA LYS A 357 20.87 40.04 -16.96
C LYS A 357 21.67 39.07 -16.08
N SER A 358 22.99 38.97 -16.29
CA SER A 358 23.89 38.06 -15.53
C SER A 358 23.99 38.47 -14.06
N GLU A 359 23.58 39.70 -13.72
CA GLU A 359 23.54 40.23 -12.33
C GLU A 359 22.21 39.84 -11.65
N ILE A 360 21.20 39.46 -12.43
CA ILE A 360 19.84 39.05 -11.95
C ILE A 360 19.79 37.52 -11.86
N PHE A 361 19.96 36.83 -13.00
CA PHE A 361 19.95 35.34 -13.11
C PHE A 361 21.38 34.81 -13.12
N SER A 362 21.60 33.66 -12.46
CA SER A 362 22.91 32.95 -12.41
C SER A 362 23.04 32.03 -13.62
N SER A 363 24.27 31.61 -13.91
CA SER A 363 24.63 30.69 -15.00
C SER A 363 24.93 29.31 -14.43
N LEU A 364 24.56 28.24 -15.14
CA LEU A 364 24.86 26.83 -14.77
C LEU A 364 26.38 26.62 -14.81
N GLY A 365 27.04 27.11 -15.86
CA GLY A 365 28.50 27.00 -16.04
C GLY A 365 28.94 25.56 -16.17
N ASP A 366 30.17 25.25 -15.73
CA ASP A 366 30.73 23.87 -15.70
C ASP A 366 30.06 23.10 -14.56
N MET A 367 29.19 22.15 -14.89
CA MET A 367 28.53 21.27 -13.90
C MET A 367 29.14 19.88 -14.00
N GLU A 368 29.19 19.15 -12.90
CA GLU A 368 29.68 17.75 -12.85
C GLU A 368 28.76 16.95 -11.92
N ALA A 369 28.57 15.67 -12.24
CA ALA A 369 27.72 14.72 -11.49
C ALA A 369 28.37 13.33 -11.56
N SER A 370 27.90 12.40 -10.72
CA SER A 370 28.33 10.98 -10.73
C SER A 370 27.81 10.30 -11.99
N PRO A 371 28.61 9.44 -12.66
CA PRO A 371 28.09 8.56 -13.71
C PRO A 371 26.96 7.65 -13.23
N LEU A 372 26.76 7.52 -11.91
CA LEU A 372 25.73 6.64 -11.30
C LEU A 372 24.36 7.32 -11.31
N GLU A 373 24.32 8.66 -11.20
CA GLU A 373 23.13 9.40 -10.70
C GLU A 373 22.42 10.16 -11.82
N VAL A 374 21.13 10.40 -11.60
CA VAL A 374 20.32 11.50 -12.19
C VAL A 374 19.92 12.42 -11.03
N LYS A 375 20.32 13.69 -11.06
CA LYS A 375 19.92 14.69 -10.04
C LYS A 375 18.51 15.18 -10.40
N ILE A 376 17.69 15.50 -9.39
CA ILE A 376 16.26 15.88 -9.55
C ILE A 376 15.94 17.10 -8.69
N ALA A 377 15.01 17.94 -9.15
CA ALA A 377 14.53 19.15 -8.45
C ALA A 377 13.69 18.75 -7.23
N PHE A 378 13.55 19.68 -6.29
CA PHE A 378 12.83 19.55 -5.00
C PHE A 378 11.88 20.74 -4.84
N ASN A 379 10.66 20.48 -4.37
CA ASN A 379 9.76 21.49 -3.74
C ASN A 379 9.45 21.01 -2.32
N SER A 380 8.56 21.70 -1.60
CA SER A 380 8.19 21.38 -0.19
C SER A 380 7.51 20.00 -0.11
N LYS A 381 6.87 19.53 -1.18
CA LYS A 381 6.18 18.21 -1.24
C LYS A 381 7.17 17.09 -1.59
N GLY A 382 8.40 17.43 -2.01
CA GLY A 382 9.49 16.46 -2.27
C GLY A 382 10.03 16.56 -3.68
N ILE A 383 10.57 15.46 -4.21
CA ILE A 383 11.27 15.42 -5.53
C ILE A 383 10.25 15.70 -6.63
N ILE A 384 10.69 16.35 -7.72
CA ILE A 384 9.83 16.72 -8.88
C ILE A 384 10.70 16.80 -10.14
N ASN A 385 10.26 16.15 -11.22
CA ASN A 385 11.08 15.89 -12.43
C ASN A 385 10.96 17.05 -13.43
N GLN A 386 10.55 18.23 -12.96
CA GLN A 386 10.49 19.50 -13.75
C GLN A 386 11.92 19.99 -14.01
N GLY A 387 12.89 19.51 -13.21
CA GLY A 387 14.33 19.77 -13.37
C GLY A 387 15.14 18.51 -13.15
N LEU A 388 16.04 18.18 -14.09
CA LEU A 388 16.87 16.94 -14.10
C LEU A 388 18.26 17.24 -14.68
N ILE A 389 19.31 16.83 -13.99
CA ILE A 389 20.72 16.85 -14.48
C ILE A 389 21.24 15.41 -14.51
N SER A 390 21.84 15.00 -15.62
CA SER A 390 22.49 13.67 -15.78
C SER A 390 23.58 13.74 -16.85
N VAL A 391 24.72 13.08 -16.60
CA VAL A 391 25.75 12.79 -17.64
C VAL A 391 25.14 11.75 -18.59
N LYS A 392 25.54 11.79 -19.86
CA LYS A 392 25.17 10.79 -20.90
C LYS A 392 25.26 9.39 -20.30
N ASP A 393 24.21 8.59 -20.45
CA ASP A 393 24.16 7.14 -20.14
C ASP A 393 24.48 6.88 -18.66
N SER A 394 24.01 7.73 -17.74
CA SER A 394 24.13 7.53 -16.28
C SER A 394 23.48 6.22 -15.89
N TYR A 395 23.93 5.57 -14.81
CA TYR A 395 23.37 4.27 -14.37
C TYR A 395 21.90 4.47 -13.95
N CYS A 396 21.59 5.57 -13.27
CA CYS A 396 20.23 5.91 -12.77
C CYS A 396 19.28 6.23 -13.94
N SER A 397 19.77 6.87 -15.01
CA SER A 397 18.96 7.16 -16.22
C SER A 397 18.43 5.84 -16.81
N ASN A 398 19.27 4.79 -16.78
CA ASN A 398 18.91 3.43 -17.24
C ASN A 398 17.85 2.84 -16.28
N LEU A 399 18.11 2.91 -14.97
CA LEU A 399 17.18 2.39 -13.93
C LEU A 399 15.80 3.04 -14.07
N ILE A 400 15.75 4.34 -14.36
CA ILE A 400 14.49 5.15 -14.43
C ILE A 400 13.69 4.71 -15.66
N VAL A 401 14.34 4.59 -16.82
CA VAL A 401 13.74 4.03 -18.06
C VAL A 401 13.08 2.68 -17.71
N LYS A 402 13.80 1.79 -17.03
CA LYS A 402 13.35 0.40 -16.68
C LYS A 402 12.16 0.47 -15.72
N GLN A 403 12.18 1.41 -14.77
CA GLN A 403 11.07 1.66 -13.83
C GLN A 403 9.80 2.00 -14.62
N ILE A 404 9.90 2.97 -15.54
CA ILE A 404 8.75 3.46 -16.35
C ILE A 404 8.20 2.30 -17.18
N GLU A 405 9.09 1.54 -17.86
CA GLU A 405 8.72 0.40 -18.72
C GLU A 405 7.99 -0.68 -17.90
N ASN A 406 8.51 -0.98 -16.70
CA ASN A 406 7.92 -2.01 -15.80
C ASN A 406 6.55 -1.52 -15.29
N ARG A 407 6.45 -0.23 -14.93
CA ARG A 407 5.21 0.40 -14.39
C ARG A 407 4.10 0.37 -15.44
N TYR A 408 4.43 0.65 -16.70
CA TYR A 408 3.48 0.65 -17.85
C TYR A 408 3.07 -0.79 -18.15
N LYS A 409 3.99 -1.75 -17.98
CA LYS A 409 3.71 -3.19 -18.23
C LYS A 409 2.60 -3.66 -17.28
N ILE A 410 2.73 -3.35 -15.99
CA ILE A 410 1.74 -3.67 -14.94
C ILE A 410 0.40 -2.98 -15.27
N LEU A 411 0.43 -1.70 -15.65
CA LEU A 411 -0.79 -0.91 -15.99
C LEU A 411 -1.50 -1.58 -17.18
N ASN A 412 -0.81 -1.67 -18.33
CA ASN A 412 -1.38 -2.13 -19.63
C ASN A 412 -1.93 -3.56 -19.45
N ASN A 413 -1.24 -4.38 -18.65
CA ASN A 413 -1.62 -5.78 -18.32
C ASN A 413 -3.06 -5.82 -17.77
N SER A 414 -3.41 -4.86 -16.90
CA SER A 414 -4.77 -4.71 -16.30
C SER A 414 -5.69 -3.90 -17.22
N LEU A 415 -5.15 -2.90 -17.91
CA LEU A 415 -5.95 -1.90 -18.67
C LEU A 415 -6.43 -2.51 -20.00
N ASN A 416 -5.54 -3.12 -20.78
CA ASN A 416 -5.80 -3.54 -22.18
C ASN A 416 -6.92 -4.58 -22.25
N PRO A 417 -6.96 -5.60 -21.37
CA PRO A 417 -8.08 -6.53 -21.32
C PRO A 417 -9.44 -5.81 -21.16
N ALA A 418 -9.49 -4.83 -20.26
CA ALA A 418 -10.70 -4.03 -19.94
C ALA A 418 -11.17 -3.27 -21.18
N ILE A 419 -10.25 -2.66 -21.92
CA ILE A 419 -10.57 -1.83 -23.13
C ILE A 419 -11.07 -2.75 -24.23
N SER A 420 -10.49 -3.95 -24.36
CA SER A 420 -10.78 -4.93 -25.45
C SER A 420 -12.22 -5.46 -25.34
N GLU A 421 -12.83 -5.39 -24.15
CA GLU A 421 -14.24 -5.82 -23.92
C GLU A 421 -15.21 -4.85 -24.63
N ASP A 422 -14.75 -3.65 -24.98
CA ASP A 422 -15.49 -2.66 -25.81
C ASP A 422 -16.83 -2.32 -25.12
N ASN A 423 -16.75 -1.92 -23.85
CA ASN A 423 -17.93 -1.49 -23.03
C ASN A 423 -17.81 0.01 -22.76
N ASP A 424 -18.85 0.59 -22.15
CA ASP A 424 -18.91 2.03 -21.77
C ASP A 424 -17.86 2.31 -20.68
N PHE A 425 -17.69 3.58 -20.32
CA PHE A 425 -16.63 4.08 -19.41
C PHE A 425 -16.78 3.43 -18.01
N ASN A 426 -18.00 3.37 -17.47
CA ASN A 426 -18.26 2.85 -16.11
C ASN A 426 -17.88 1.37 -16.05
N THR A 427 -18.38 0.56 -16.99
CA THR A 427 -18.13 -0.90 -17.08
C THR A 427 -16.62 -1.14 -17.26
N THR A 428 -15.98 -0.38 -18.16
CA THR A 428 -14.52 -0.46 -18.43
C THR A 428 -13.75 -0.09 -17.16
N THR A 429 -14.09 1.02 -16.52
CA THR A 429 -13.49 1.50 -15.24
C THR A 429 -13.54 0.38 -14.20
N ASN A 430 -14.68 -0.32 -14.13
CA ASN A 430 -15.00 -1.37 -13.11
C ASN A 430 -14.13 -2.61 -13.34
N THR A 431 -14.00 -3.07 -14.59
CA THR A 431 -13.17 -4.24 -14.99
C THR A 431 -11.69 -3.95 -14.73
N PHE A 432 -11.23 -2.74 -15.06
CA PHE A 432 -9.84 -2.24 -14.86
C PHE A 432 -9.48 -2.33 -13.37
N ILE A 433 -10.31 -1.74 -12.50
CA ILE A 433 -10.04 -1.64 -11.04
C ILE A 433 -10.09 -3.05 -10.41
N ASP A 434 -11.03 -3.90 -10.83
CA ASP A 434 -11.13 -5.33 -10.41
C ASP A 434 -9.78 -6.01 -10.68
N SER A 435 -9.27 -5.86 -11.89
CA SER A 435 -7.99 -6.45 -12.37
C SER A 435 -6.82 -5.88 -11.57
N ILE A 436 -6.80 -4.56 -11.35
CA ILE A 436 -5.76 -3.84 -10.55
C ILE A 436 -5.68 -4.49 -9.16
N MET A 437 -6.82 -4.54 -8.46
CA MET A 437 -6.92 -5.09 -7.07
C MET A 437 -6.60 -6.60 -7.07
N ALA A 438 -6.97 -7.32 -8.13
CA ALA A 438 -6.68 -8.76 -8.30
C ALA A 438 -5.16 -8.99 -8.33
N GLU A 439 -4.44 -8.23 -9.16
CA GLU A 439 -2.99 -8.44 -9.45
C GLU A 439 -2.11 -7.80 -8.37
N ALA A 440 -2.67 -6.96 -7.50
CA ALA A 440 -1.94 -6.27 -6.41
C ALA A 440 -1.35 -7.31 -5.44
N ASN A 441 -0.10 -7.10 -5.01
CA ASN A 441 0.57 -7.92 -3.97
C ASN A 441 1.18 -6.98 -2.92
N ALA A 442 1.90 -7.54 -1.93
CA ALA A 442 2.51 -6.78 -0.82
C ALA A 442 3.54 -5.77 -1.37
N ASP A 443 4.30 -6.17 -2.40
CA ASP A 443 5.40 -5.36 -2.98
C ASP A 443 4.84 -4.13 -3.69
N ASN A 444 3.91 -4.33 -4.65
CA ASN A 444 3.42 -3.26 -5.56
C ASN A 444 2.06 -2.73 -5.09
N GLY A 445 1.64 -3.05 -3.86
CA GLY A 445 0.32 -2.69 -3.32
C GLY A 445 0.04 -1.20 -3.44
N ARG A 446 0.93 -0.37 -2.90
CA ARG A 446 0.80 1.11 -2.80
C ARG A 446 0.70 1.72 -4.20
N PHE A 447 1.59 1.31 -5.11
CA PHE A 447 1.63 1.75 -6.54
C PHE A 447 0.29 1.46 -7.22
N MET A 448 -0.24 0.24 -7.04
CA MET A 448 -1.46 -0.26 -7.73
C MET A 448 -2.67 0.58 -7.31
N MET A 449 -2.71 1.05 -6.06
CA MET A 449 -3.84 1.83 -5.47
C MET A 449 -3.87 3.24 -6.05
N GLU A 450 -2.85 3.62 -6.83
CA GLU A 450 -2.76 4.96 -7.48
C GLU A 450 -3.12 4.89 -8.97
N LEU A 451 -3.28 3.70 -9.55
CA LEU A 451 -3.50 3.51 -11.02
C LEU A 451 -4.99 3.68 -11.39
N GLY A 452 -5.87 3.71 -10.40
CA GLY A 452 -7.33 3.55 -10.60
C GLY A 452 -7.93 4.56 -11.56
N LYS A 453 -7.35 5.76 -11.67
CA LYS A 453 -7.98 6.89 -12.41
C LYS A 453 -7.32 7.11 -13.78
N TYR A 454 -6.50 6.17 -14.27
CA TYR A 454 -5.69 6.36 -15.50
C TYR A 454 -6.56 6.85 -16.67
N LEU A 455 -7.76 6.30 -16.84
CA LEU A 455 -8.67 6.60 -17.98
C LEU A 455 -9.15 8.07 -17.94
N ARG A 456 -9.04 8.74 -16.79
CA ARG A 456 -9.63 10.09 -16.57
C ARG A 456 -8.55 11.18 -16.68
N VAL A 457 -7.26 10.83 -16.79
CA VAL A 457 -6.14 11.81 -16.72
C VAL A 457 -6.42 12.93 -17.75
N GLY A 458 -6.44 14.18 -17.29
CA GLY A 458 -6.61 15.39 -18.14
C GLY A 458 -8.07 15.79 -18.34
N PHE A 459 -9.04 14.96 -17.95
CA PHE A 459 -10.48 15.16 -18.25
C PHE A 459 -11.31 15.32 -16.97
N PHE A 460 -10.70 15.16 -15.80
CA PHE A 460 -11.40 15.08 -14.49
C PHE A 460 -10.49 15.68 -13.41
N PRO A 461 -11.03 16.48 -12.46
CA PRO A 461 -10.20 17.14 -11.46
C PRO A 461 -9.45 16.16 -10.53
N ASP A 462 -8.27 16.57 -10.08
CA ASP A 462 -7.42 15.91 -9.04
C ASP A 462 -7.13 14.46 -9.46
N VAL A 463 -6.81 14.25 -10.75
CA VAL A 463 -6.27 12.97 -11.29
C VAL A 463 -4.78 13.18 -11.58
N LYS A 464 -3.89 12.57 -10.81
CA LYS A 464 -2.42 12.78 -10.91
C LYS A 464 -1.71 11.44 -11.17
N THR A 465 -2.37 10.49 -11.84
CA THR A 465 -1.88 9.10 -12.08
C THR A 465 -0.45 9.10 -12.65
N THR A 466 -0.16 10.04 -13.56
CA THR A 466 1.09 10.14 -14.34
C THR A 466 2.32 10.15 -13.42
N ILE A 467 2.22 10.73 -12.22
CA ILE A 467 3.38 10.90 -11.30
C ILE A 467 3.87 9.52 -10.83
N ASN A 468 2.99 8.51 -10.84
CA ASN A 468 3.28 7.13 -10.35
C ASN A 468 3.84 6.27 -11.49
N LEU A 469 3.49 6.58 -12.74
CA LEU A 469 3.86 5.77 -13.93
C LEU A 469 5.19 6.27 -14.50
N SER A 470 5.23 7.52 -14.97
CA SER A 470 6.34 8.12 -15.74
C SER A 470 7.03 9.25 -14.96
N GLY A 471 6.46 9.66 -13.82
CA GLY A 471 6.83 10.89 -13.10
C GLY A 471 7.72 10.61 -11.89
N PRO A 472 7.76 11.55 -10.91
CA PRO A 472 8.66 11.47 -9.76
C PRO A 472 8.82 10.09 -9.09
N GLU A 473 7.73 9.32 -8.98
CA GLU A 473 7.73 8.04 -8.23
C GLU A 473 8.70 7.06 -8.91
N ALA A 474 8.80 7.10 -10.25
CA ALA A 474 9.75 6.30 -11.04
C ALA A 474 11.18 6.64 -10.61
N TYR A 475 11.46 7.92 -10.34
CA TYR A 475 12.81 8.44 -9.98
C TYR A 475 13.17 7.96 -8.57
N ALA A 476 12.24 8.07 -7.62
CA ALA A 476 12.40 7.61 -6.22
C ALA A 476 12.73 6.12 -6.22
N ALA A 477 11.95 5.34 -6.98
CA ALA A 477 12.09 3.88 -7.16
C ALA A 477 13.48 3.55 -7.74
N ALA A 478 13.96 4.34 -8.70
CA ALA A 478 15.26 4.13 -9.36
C ALA A 478 16.40 4.39 -8.38
N TYR A 479 16.26 5.39 -7.51
CA TYR A 479 17.25 5.71 -6.44
C TYR A 479 17.31 4.55 -5.45
N GLN A 480 16.14 3.99 -5.08
CA GLN A 480 16.05 2.81 -4.17
C GLN A 480 16.76 1.62 -4.83
N ASP A 481 16.49 1.39 -6.12
CA ASP A 481 17.17 0.33 -6.92
C ASP A 481 18.69 0.47 -6.76
N LEU A 482 19.22 1.68 -6.91
CA LEU A 482 20.68 1.96 -6.85
C LEU A 482 21.23 1.58 -5.47
N LEU A 483 20.59 2.09 -4.42
CA LEU A 483 21.06 1.96 -3.01
C LEU A 483 20.78 0.55 -2.47
N MET A 484 19.92 -0.24 -3.13
CA MET A 484 19.58 -1.62 -2.72
C MET A 484 20.16 -2.64 -3.71
N PHE A 485 21.04 -2.22 -4.60
CA PHE A 485 21.77 -3.10 -5.55
C PHE A 485 20.80 -4.06 -6.25
N LYS A 486 19.67 -3.55 -6.74
CA LYS A 486 18.64 -4.36 -7.43
C LYS A 486 17.96 -3.52 -8.52
N GLU A 487 16.96 -4.10 -9.18
CA GLU A 487 16.08 -3.43 -10.16
C GLU A 487 14.62 -3.82 -9.88
N GLY A 488 13.69 -2.92 -10.19
CA GLY A 488 12.24 -3.20 -10.19
C GLY A 488 11.58 -2.91 -8.85
N SER A 489 12.10 -1.98 -8.05
CA SER A 489 11.50 -1.53 -6.77
C SER A 489 10.11 -0.93 -7.02
N MET A 490 9.10 -1.38 -6.27
CA MET A 490 7.71 -0.85 -6.32
C MET A 490 7.32 -0.32 -4.93
N ASN A 491 7.85 -0.91 -3.86
CA ASN A 491 7.60 -0.52 -2.44
C ASN A 491 8.66 0.53 -2.03
N ILE A 492 8.31 1.81 -2.14
CA ILE A 492 9.25 2.95 -1.86
C ILE A 492 9.32 3.16 -0.34
N HIS A 493 10.46 2.84 0.27
CA HIS A 493 10.70 3.00 1.72
C HIS A 493 11.79 4.06 1.98
N LEU A 494 12.23 4.78 0.96
CA LEU A 494 13.25 5.86 1.10
C LEU A 494 12.62 7.07 1.81
N ILE A 495 13.41 7.79 2.59
CA ILE A 495 13.02 9.03 3.35
C ILE A 495 13.73 10.22 2.68
N GLU A 496 13.42 11.45 3.14
CA GLU A 496 13.96 12.70 2.55
C GLU A 496 15.49 12.67 2.56
N ALA A 497 16.11 12.30 3.67
CA ALA A 497 17.58 12.27 3.86
C ALA A 497 18.26 11.47 2.75
N ASP A 498 17.65 10.35 2.33
CA ASP A 498 18.14 9.45 1.25
C ASP A 498 18.05 10.19 -0.09
N LEU A 499 16.85 10.71 -0.40
CA LEU A 499 16.53 11.40 -1.69
C LEU A 499 17.38 12.67 -1.84
N ARG A 500 17.71 13.35 -0.73
CA ARG A 500 18.42 14.65 -0.74
C ARG A 500 19.83 14.49 -1.30
N ASN A 501 20.36 13.26 -1.35
CA ASN A 501 21.67 12.93 -2.00
C ASN A 501 21.60 13.17 -3.51
N PHE A 502 20.39 13.23 -4.09
CA PHE A 502 20.15 13.34 -5.55
C PHE A 502 19.54 14.71 -5.89
N GLU A 503 19.50 15.64 -4.92
CA GLU A 503 18.87 16.98 -5.08
C GLU A 503 19.66 17.79 -6.12
N ILE A 504 18.96 18.55 -6.96
CA ILE A 504 19.53 19.69 -7.74
C ILE A 504 19.59 20.89 -6.79
N SER A 505 20.75 21.55 -6.71
CA SER A 505 20.98 22.76 -5.88
C SER A 505 19.86 23.77 -6.18
N LYS A 506 19.23 24.33 -5.13
CA LYS A 506 18.05 25.23 -5.23
C LYS A 506 18.39 26.45 -6.10
N THR A 507 19.67 26.85 -6.15
CA THR A 507 20.16 28.07 -6.82
C THR A 507 20.24 27.88 -8.35
N ASN A 508 19.98 26.67 -8.85
CA ASN A 508 20.14 26.33 -10.30
C ASN A 508 18.81 26.46 -11.04
N ILE A 509 17.67 26.48 -10.35
CA ILE A 509 16.31 26.65 -10.95
C ILE A 509 15.49 27.61 -10.09
N SER A 510 14.77 28.54 -10.73
CA SER A 510 13.65 29.31 -10.13
C SER A 510 12.35 28.59 -10.51
N GLN A 511 11.73 27.91 -9.54
CA GLN A 511 10.58 27.00 -9.75
C GLN A 511 9.25 27.76 -9.56
N SER A 512 9.25 28.85 -8.78
CA SER A 512 8.03 29.59 -8.36
C SER A 512 7.61 30.59 -9.44
N THR A 513 7.40 30.12 -10.67
CA THR A 513 7.08 30.95 -11.85
C THR A 513 5.57 31.06 -12.01
N GLU A 514 5.10 32.07 -12.75
CA GLU A 514 3.67 32.25 -13.08
C GLU A 514 3.15 30.98 -13.75
N GLN A 515 3.85 30.46 -14.76
CA GLN A 515 3.35 29.33 -15.60
C GLN A 515 3.33 28.03 -14.78
N GLU A 516 4.21 27.89 -13.79
CA GLU A 516 4.29 26.70 -12.90
C GLU A 516 2.97 26.54 -12.15
N MET A 517 2.26 27.63 -11.84
CA MET A 517 1.01 27.61 -11.03
C MET A 517 -0.19 27.17 -11.88
N ALA A 518 -0.02 26.98 -13.19
CA ALA A 518 -1.09 26.53 -14.13
C ALA A 518 -0.66 25.23 -14.80
N SER A 519 -1.04 24.09 -14.20
CA SER A 519 -0.79 22.73 -14.71
C SER A 519 -1.52 22.55 -16.05
N LEU A 520 -0.88 21.89 -17.02
CA LEU A 520 -1.36 21.75 -18.42
C LEU A 520 -2.07 20.40 -18.63
N TRP A 521 -1.90 19.45 -17.71
CA TRP A 521 -2.38 18.05 -17.84
C TRP A 521 -3.29 17.65 -16.68
N SER A 522 -3.44 18.51 -15.68
CA SER A 522 -4.26 18.27 -14.45
C SER A 522 -4.93 19.59 -14.03
N PHE A 523 -5.94 19.50 -13.18
CA PHE A 523 -6.64 20.68 -12.60
C PHE A 523 -7.33 20.27 -11.30
N ASP A 524 -7.46 21.20 -10.35
CA ASP A 524 -8.03 20.97 -9.00
C ASP A 524 -9.52 21.32 -8.98
N ASP A 525 -10.19 21.01 -7.87
CA ASP A 525 -11.62 21.34 -7.60
C ASP A 525 -11.91 22.80 -7.95
N ALA A 526 -11.13 23.73 -7.39
CA ALA A 526 -11.29 25.19 -7.58
C ALA A 526 -11.50 25.49 -9.06
N ARG A 527 -10.62 24.99 -9.93
CA ARG A 527 -10.64 25.22 -11.40
C ARG A 527 -11.83 24.48 -12.02
N ALA A 528 -12.17 23.29 -11.53
CA ALA A 528 -13.33 22.48 -12.00
C ALA A 528 -14.62 23.28 -11.80
N LYS A 529 -14.88 23.72 -10.57
CA LYS A 529 -16.05 24.56 -10.18
C LYS A 529 -16.12 25.78 -11.12
N ALA A 530 -15.00 26.49 -11.27
CA ALA A 530 -14.86 27.75 -12.04
C ALA A 530 -15.20 27.53 -13.51
N GLN A 531 -14.64 26.47 -14.12
CA GLN A 531 -14.82 26.17 -15.57
C GLN A 531 -16.26 25.74 -15.83
N PHE A 532 -16.88 24.97 -14.93
CA PHE A 532 -18.30 24.55 -15.04
C PHE A 532 -19.19 25.78 -15.23
N GLU A 533 -19.06 26.76 -14.34
CA GLU A 533 -19.88 28.00 -14.34
C GLU A 533 -19.60 28.77 -15.63
N GLU A 534 -18.31 28.85 -16.00
CA GLU A 534 -17.82 29.51 -17.24
C GLU A 534 -18.43 28.83 -18.47
N TYR A 535 -18.50 27.50 -18.50
CA TYR A 535 -19.07 26.71 -19.62
C TYR A 535 -20.59 26.93 -19.69
N LYS A 536 -21.24 27.13 -18.53
CA LYS A 536 -22.73 27.29 -18.43
C LYS A 536 -23.14 28.65 -19.01
N ARG A 537 -22.52 29.74 -18.58
CA ARG A 537 -22.90 31.12 -19.01
C ARG A 537 -22.56 31.27 -20.50
N ASN A 538 -21.50 30.61 -20.98
CA ASN A 538 -21.09 30.59 -22.41
C ASN A 538 -22.16 29.91 -23.26
N TYR A 539 -22.78 28.84 -22.74
CA TYR A 539 -23.71 27.97 -23.51
C TYR A 539 -25.13 28.57 -23.54
N PHE A 540 -25.49 29.41 -22.55
CA PHE A 540 -26.86 29.93 -22.36
C PHE A 540 -26.91 31.46 -22.49
N GLU A 541 -25.95 32.05 -23.23
CA GLU A 541 -25.91 33.51 -23.56
C GLU A 541 -25.37 33.70 -24.98
N SER B 3 18.87 -5.23 31.94
CA SER B 3 18.59 -4.16 32.95
C SER B 3 18.87 -2.79 32.31
N LEU B 4 17.93 -1.85 32.45
CA LEU B 4 17.97 -0.52 31.77
C LEU B 4 19.05 0.36 32.43
N VAL B 5 19.83 1.07 31.62
CA VAL B 5 20.87 2.06 32.04
C VAL B 5 20.30 2.98 33.14
N ASN B 6 21.11 3.33 34.14
CA ASN B 6 20.76 4.31 35.20
C ASN B 6 21.08 5.73 34.69
N ARG B 7 20.72 6.74 35.48
CA ARG B 7 20.90 8.18 35.15
C ARG B 7 22.37 8.46 34.81
N LYS B 8 23.30 7.94 35.61
CA LYS B 8 24.78 8.12 35.46
C LYS B 8 25.23 7.59 34.09
N GLN B 9 24.77 6.40 33.72
CA GLN B 9 25.16 5.72 32.44
C GLN B 9 24.65 6.53 31.25
N LEU B 10 23.44 7.09 31.34
CA LEU B 10 22.82 7.90 30.26
C LEU B 10 23.52 9.25 30.15
N GLU B 11 23.86 9.87 31.28
CA GLU B 11 24.65 11.14 31.35
C GLU B 11 25.95 10.97 30.55
N LYS B 12 26.62 9.81 30.68
CA LYS B 12 27.89 9.48 29.97
C LYS B 12 27.64 9.30 28.47
N MET B 13 26.60 8.53 28.09
CA MET B 13 26.19 8.28 26.68
C MET B 13 25.94 9.60 25.95
N ALA B 14 25.12 10.47 26.56
CA ALA B 14 24.57 11.70 25.94
C ALA B 14 25.43 12.92 26.30
N ASN B 15 26.54 12.71 27.03
CA ASN B 15 27.50 13.79 27.40
C ASN B 15 27.96 14.52 26.13
N VAL B 16 27.98 15.85 26.16
CA VAL B 16 28.60 16.70 25.11
C VAL B 16 29.41 17.80 25.81
N ARG B 17 30.73 17.80 25.60
CA ARG B 17 31.69 18.79 26.17
C ARG B 17 31.18 20.20 25.88
N PHE B 18 31.03 21.01 26.93
CA PHE B 18 30.71 22.46 26.87
C PHE B 18 29.24 22.67 26.46
N ARG B 19 28.38 21.64 26.52
CA ARG B 19 26.94 21.80 26.18
C ARG B 19 26.12 21.90 27.48
N THR B 20 25.33 22.96 27.62
CA THR B 20 24.42 23.18 28.78
C THR B 20 23.44 22.01 28.89
N GLN B 21 23.14 21.57 30.10
CA GLN B 21 22.03 20.63 30.38
C GLN B 21 20.71 21.37 30.16
N GLU B 22 20.12 21.22 28.96
CA GLU B 22 18.80 21.79 28.58
C GLU B 22 17.72 21.22 29.51
N ASP B 23 16.64 21.98 29.74
CA ASP B 23 15.50 21.55 30.60
C ASP B 23 14.92 20.23 30.07
N GLU B 24 14.78 20.11 28.74
CA GLU B 24 14.15 18.94 28.06
C GLU B 24 14.99 17.69 28.29
N TYR B 25 16.32 17.84 28.36
CA TYR B 25 17.29 16.75 28.62
C TYR B 25 17.19 16.33 30.10
N VAL B 26 17.17 17.29 31.03
CA VAL B 26 17.12 17.02 32.50
C VAL B 26 15.79 16.33 32.82
N ALA B 27 14.71 16.67 32.09
CA ALA B 27 13.39 16.01 32.20
C ALA B 27 13.53 14.50 32.00
N ILE B 28 14.30 14.09 30.98
CA ILE B 28 14.59 12.66 30.65
C ILE B 28 15.34 12.02 31.83
N LEU B 29 16.45 12.64 32.25
CA LEU B 29 17.36 12.11 33.32
C LEU B 29 16.56 11.91 34.62
N ASP B 30 15.71 12.88 34.97
CA ASP B 30 14.84 12.84 36.19
C ASP B 30 13.89 11.65 36.07
N ALA B 31 13.21 11.52 34.92
CA ALA B 31 12.23 10.45 34.64
C ALA B 31 12.91 9.08 34.75
N LEU B 32 14.11 8.93 34.18
CA LEU B 32 14.89 7.67 34.22
C LEU B 32 15.24 7.32 35.68
N GLU B 33 15.64 8.33 36.48
CA GLU B 33 15.99 8.15 37.91
C GLU B 33 14.75 7.68 38.67
N GLU B 34 13.59 8.28 38.39
CA GLU B 34 12.27 7.92 39.01
C GLU B 34 11.94 6.45 38.70
N TYR B 35 12.14 6.03 37.44
CA TYR B 35 11.86 4.64 36.98
C TYR B 35 12.65 3.63 37.79
N HIS B 36 13.92 3.95 38.14
CA HIS B 36 14.82 3.06 38.92
C HIS B 36 14.49 3.10 40.42
N ASN B 37 13.56 3.97 40.84
CA ASN B 37 13.02 4.01 42.22
C ASN B 37 11.56 3.53 42.22
N MET B 38 11.17 2.68 41.27
CA MET B 38 9.77 2.18 41.11
C MET B 38 9.72 0.67 41.35
N SER B 39 10.63 0.14 42.19
CA SER B 39 10.76 -1.30 42.49
C SER B 39 9.41 -1.89 42.92
N GLU B 40 8.68 -1.18 43.79
CA GLU B 40 7.44 -1.67 44.45
C GLU B 40 6.17 -1.24 43.67
N ASN B 41 6.32 -0.71 42.45
CA ASN B 41 5.17 -0.31 41.57
C ASN B 41 4.74 -1.49 40.71
N THR B 42 3.51 -1.44 40.17
CA THR B 42 2.93 -2.48 39.29
C THR B 42 3.64 -2.46 37.94
N VAL B 43 3.52 -3.56 37.17
CA VAL B 43 4.12 -3.76 35.82
C VAL B 43 3.62 -2.65 34.88
N VAL B 44 2.33 -2.34 34.92
CA VAL B 44 1.66 -1.33 34.04
C VAL B 44 2.20 0.07 34.40
N GLU B 45 2.29 0.38 35.70
CA GLU B 45 2.86 1.67 36.21
C GLU B 45 4.28 1.83 35.65
N LYS B 46 5.11 0.79 35.73
CA LYS B 46 6.49 0.78 35.20
C LYS B 46 6.49 0.99 33.69
N TYR B 47 5.54 0.38 32.96
CA TYR B 47 5.44 0.50 31.47
C TYR B 47 5.05 1.94 31.12
N LEU B 48 4.10 2.52 31.83
CA LEU B 48 3.61 3.90 31.58
C LEU B 48 4.72 4.92 31.87
N LYS B 49 5.60 4.63 32.84
CA LYS B 49 6.81 5.46 33.12
C LYS B 49 7.77 5.38 31.92
N LEU B 50 8.04 4.17 31.42
CA LEU B 50 8.90 3.95 30.22
C LEU B 50 8.32 4.71 29.01
N LYS B 51 7.00 4.78 28.92
CA LYS B 51 6.26 5.53 27.86
C LYS B 51 6.62 7.02 27.98
N ASP B 52 6.45 7.60 29.17
CA ASP B 52 6.79 9.02 29.48
C ASP B 52 8.24 9.29 29.04
N ILE B 53 9.17 8.44 29.49
CA ILE B 53 10.63 8.59 29.21
C ILE B 53 10.83 8.64 27.69
N ASN B 54 10.14 7.78 26.93
CA ASN B 54 10.20 7.74 25.46
C ASN B 54 9.67 9.06 24.88
N SER B 55 8.50 9.52 25.34
CA SER B 55 7.85 10.77 24.89
C SER B 55 8.80 11.95 25.12
N LEU B 56 9.37 12.05 26.34
CA LEU B 56 10.31 13.12 26.76
C LEU B 56 11.54 13.10 25.85
N THR B 57 12.05 11.91 25.52
CA THR B 57 13.23 11.72 24.63
C THR B 57 12.89 12.22 23.22
N ASP B 58 11.67 11.96 22.73
CA ASP B 58 11.18 12.42 21.40
C ASP B 58 11.05 13.95 21.42
N ILE B 59 10.43 14.51 22.47
CA ILE B 59 10.29 15.97 22.69
C ILE B 59 11.67 16.64 22.55
N TYR B 60 12.73 16.03 23.10
CA TYR B 60 14.11 16.57 23.02
C TYR B 60 14.60 16.56 21.57
N ILE B 61 14.62 15.38 20.94
CA ILE B 61 15.17 15.17 19.56
C ILE B 61 14.42 16.07 18.58
N ASP B 62 13.16 16.41 18.88
CA ASP B 62 12.29 17.29 18.05
C ASP B 62 12.66 18.76 18.29
N THR B 63 13.02 19.13 19.53
CA THR B 63 13.36 20.52 19.94
C THR B 63 14.75 20.89 19.43
N TYR B 64 15.75 20.01 19.62
CA TYR B 64 17.18 20.24 19.29
C TYR B 64 17.59 19.27 18.16
N LYS B 65 17.17 19.61 16.94
CA LYS B 65 17.22 18.71 15.75
C LYS B 65 18.66 18.33 15.39
N LYS B 66 19.64 19.20 15.63
CA LYS B 66 21.07 18.98 15.26
C LYS B 66 21.94 18.79 16.52
N SER B 67 21.36 18.27 17.61
CA SER B 67 22.05 18.10 18.91
C SER B 67 22.99 16.89 18.88
N GLY B 68 24.18 17.03 19.50
CA GLY B 68 25.16 15.95 19.66
C GLY B 68 24.66 14.86 20.60
N ARG B 69 23.60 15.14 21.37
CA ARG B 69 22.95 14.17 22.29
C ARG B 69 22.10 13.17 21.49
N ASN B 70 21.59 13.57 20.32
CA ASN B 70 20.50 12.86 19.59
C ASN B 70 20.88 11.41 19.28
N LYS B 71 22.11 11.17 18.81
CA LYS B 71 22.62 9.82 18.48
C LYS B 71 22.47 8.89 19.69
N ALA B 72 22.96 9.32 20.85
CA ALA B 72 22.95 8.56 22.13
C ALA B 72 21.50 8.40 22.63
N LEU B 73 20.64 9.38 22.39
CA LEU B 73 19.21 9.34 22.81
C LEU B 73 18.42 8.38 21.92
N LYS B 74 18.81 8.23 20.64
CA LYS B 74 18.22 7.24 19.70
C LYS B 74 18.65 5.82 20.14
N LYS B 75 19.87 5.66 20.64
CA LYS B 75 20.37 4.39 21.23
C LYS B 75 19.58 4.09 22.52
N PHE B 76 19.24 5.14 23.30
CA PHE B 76 18.52 5.02 24.59
C PHE B 76 17.07 4.56 24.34
N LYS B 77 16.42 5.13 23.32
CA LYS B 77 15.07 4.72 22.84
C LYS B 77 15.04 3.22 22.55
N GLU B 78 16.14 2.67 22.02
CA GLU B 78 16.28 1.21 21.74
C GLU B 78 16.36 0.44 23.06
N TYR B 79 17.11 0.94 24.05
CA TYR B 79 17.26 0.29 25.39
C TYR B 79 15.92 0.27 26.12
N LEU B 80 15.06 1.26 25.89
CA LEU B 80 13.69 1.35 26.47
C LEU B 80 12.86 0.16 25.96
N VAL B 81 12.94 -0.13 24.66
CA VAL B 81 12.21 -1.26 24.00
C VAL B 81 12.66 -2.58 24.65
N THR B 82 13.98 -2.80 24.75
CA THR B 82 14.58 -3.99 25.42
C THR B 82 14.08 -4.09 26.86
N GLU B 83 13.87 -2.96 27.53
CA GLU B 83 13.42 -2.93 28.96
C GLU B 83 11.93 -3.31 29.04
N VAL B 84 11.12 -2.95 28.02
CA VAL B 84 9.69 -3.39 27.93
C VAL B 84 9.65 -4.92 27.89
N LEU B 85 10.48 -5.54 27.04
CA LEU B 85 10.56 -7.02 26.85
C LEU B 85 11.05 -7.68 28.14
N GLU B 86 12.07 -7.10 28.79
CA GLU B 86 12.63 -7.63 30.06
C GLU B 86 11.59 -7.51 31.17
N LEU B 87 10.83 -6.41 31.17
CA LEU B 87 9.74 -6.14 32.15
C LEU B 87 8.61 -7.17 31.96
N LYS B 88 8.36 -7.56 30.71
CA LYS B 88 7.28 -8.49 30.29
C LYS B 88 7.66 -9.92 30.67
N ASN B 89 8.93 -10.31 30.45
CA ASN B 89 9.44 -11.69 30.61
C ASN B 89 9.69 -12.04 32.08
N ASN B 90 9.96 -11.05 32.95
CA ASN B 90 10.48 -11.29 34.33
C ASN B 90 9.41 -11.02 35.41
N ASN B 91 8.27 -10.42 35.07
CA ASN B 91 7.16 -10.12 36.02
C ASN B 91 5.86 -10.71 35.47
N LEU B 92 5.49 -11.91 35.95
CA LEU B 92 4.36 -12.73 35.45
C LEU B 92 3.37 -12.98 36.60
N THR B 93 2.07 -12.78 36.36
CA THR B 93 0.97 -13.14 37.30
C THR B 93 0.24 -14.37 36.75
N PRO B 94 -0.45 -15.15 37.62
CA PRO B 94 -1.29 -16.27 37.18
C PRO B 94 -2.32 -15.90 36.09
N VAL B 95 -2.50 -16.79 35.12
CA VAL B 95 -3.57 -16.72 34.09
C VAL B 95 -4.84 -17.35 34.67
N GLU B 96 -5.97 -16.64 34.61
CA GLU B 96 -7.28 -17.16 35.07
C GLU B 96 -7.53 -18.48 34.32
N LYS B 97 -7.94 -19.53 35.05
CA LYS B 97 -8.13 -20.89 34.48
C LYS B 97 -9.49 -20.96 33.79
N ASN B 98 -9.60 -20.27 32.66
CA ASN B 98 -10.77 -20.27 31.75
C ASN B 98 -10.29 -20.71 30.36
N LEU B 99 -11.02 -21.62 29.72
CA LEU B 99 -10.88 -21.92 28.27
C LEU B 99 -12.09 -21.32 27.56
N HIS B 100 -11.85 -20.35 26.66
CA HIS B 100 -12.90 -19.64 25.89
C HIS B 100 -12.95 -20.23 24.48
N PHE B 101 -14.09 -20.81 24.12
CA PHE B 101 -14.44 -21.23 22.74
C PHE B 101 -15.59 -20.33 22.25
N VAL B 102 -15.69 -20.16 20.94
CA VAL B 102 -16.79 -19.41 20.29
C VAL B 102 -17.38 -20.29 19.18
N TRP B 103 -18.70 -20.51 19.22
CA TRP B 103 -19.48 -21.00 18.06
C TRP B 103 -20.81 -20.25 17.98
N ILE B 104 -20.93 -19.36 16.99
CA ILE B 104 -22.11 -18.46 16.77
C ILE B 104 -22.65 -18.69 15.36
N GLY B 105 -23.95 -18.44 15.16
CA GLY B 105 -24.58 -18.41 13.83
C GLY B 105 -25.38 -19.66 13.50
N GLY B 106 -25.19 -20.75 14.26
CA GLY B 106 -25.93 -22.00 14.04
C GLY B 106 -25.61 -23.05 15.07
N GLN B 107 -26.22 -24.24 14.92
CA GLN B 107 -26.02 -25.42 15.80
C GLN B 107 -24.53 -25.75 15.83
N ILE B 108 -23.97 -25.93 17.03
CA ILE B 108 -22.58 -26.44 17.20
C ILE B 108 -22.58 -27.91 16.75
N ASN B 109 -21.61 -28.28 15.91
CA ASN B 109 -21.43 -29.62 15.29
C ASN B 109 -20.88 -30.58 16.34
N ASP B 110 -21.12 -31.89 16.18
CA ASP B 110 -20.57 -32.95 17.08
C ASP B 110 -19.05 -32.93 17.02
N THR B 111 -18.47 -32.53 15.88
CA THR B 111 -17.01 -32.47 15.66
C THR B 111 -16.41 -31.39 16.58
N ALA B 112 -17.06 -30.23 16.71
CA ALA B 112 -16.62 -29.12 17.59
C ALA B 112 -16.63 -29.59 19.05
N ILE B 113 -17.74 -30.17 19.50
CA ILE B 113 -17.93 -30.65 20.91
C ILE B 113 -16.83 -31.68 21.22
N ASN B 114 -16.59 -32.63 20.30
CA ASN B 114 -15.64 -33.76 20.49
C ASN B 114 -14.21 -33.19 20.67
N TYR B 115 -13.86 -32.12 19.96
CA TYR B 115 -12.56 -31.40 20.09
C TYR B 115 -12.51 -30.69 21.45
N ILE B 116 -13.58 -29.96 21.79
CA ILE B 116 -13.70 -29.22 23.08
C ILE B 116 -13.52 -30.22 24.22
N ASN B 117 -14.14 -31.39 24.10
CA ASN B 117 -14.17 -32.45 25.16
C ASN B 117 -12.75 -32.94 25.45
N GLN B 118 -11.86 -32.98 24.45
CA GLN B 118 -10.43 -33.35 24.66
C GLN B 118 -9.81 -32.37 25.65
N TRP B 119 -10.04 -31.06 25.47
CA TRP B 119 -9.53 -29.97 26.33
C TRP B 119 -10.07 -30.16 27.75
N LYS B 120 -11.37 -30.45 27.87
CA LYS B 120 -12.06 -30.66 29.18
C LYS B 120 -11.42 -31.84 29.93
N ASP B 121 -11.22 -32.97 29.24
CA ASP B 121 -10.77 -34.25 29.83
C ASP B 121 -9.39 -34.09 30.47
N VAL B 122 -8.56 -33.20 29.93
CA VAL B 122 -7.12 -33.09 30.26
C VAL B 122 -6.85 -31.81 31.04
N ASN B 123 -7.89 -30.98 31.28
CA ASN B 123 -7.83 -29.71 32.04
C ASN B 123 -9.04 -29.62 32.98
N SER B 124 -9.17 -30.57 33.90
CA SER B 124 -10.33 -30.68 34.84
C SER B 124 -10.32 -29.51 35.83
N ASP B 125 -9.23 -28.74 35.91
CA ASP B 125 -9.08 -27.55 36.80
C ASP B 125 -9.47 -26.26 36.07
N TYR B 126 -9.88 -26.35 34.79
CA TYR B 126 -10.28 -25.18 33.97
C TYR B 126 -11.81 -25.12 33.87
N ASN B 127 -12.34 -23.90 34.07
CA ASN B 127 -13.71 -23.51 33.66
C ASN B 127 -13.70 -23.39 32.12
N VAL B 128 -14.75 -23.91 31.47
CA VAL B 128 -14.89 -23.85 29.98
C VAL B 128 -16.14 -23.04 29.64
N ASN B 129 -15.95 -21.96 28.87
CA ASN B 129 -17.03 -21.17 28.23
C ASN B 129 -17.03 -21.50 26.73
N VAL B 130 -18.14 -22.03 26.22
CA VAL B 130 -18.41 -22.12 24.76
C VAL B 130 -19.42 -21.03 24.42
N PHE B 131 -18.92 -19.85 24.01
CA PHE B 131 -19.75 -18.66 23.71
C PHE B 131 -20.63 -18.94 22.48
N TYR B 132 -21.92 -18.65 22.62
CA TYR B 132 -22.92 -18.71 21.51
C TYR B 132 -23.76 -17.43 21.58
N ASP B 133 -24.54 -17.18 20.53
CA ASP B 133 -25.50 -16.06 20.44
C ASP B 133 -26.91 -16.65 20.40
N SER B 134 -27.63 -16.56 21.51
CA SER B 134 -28.98 -17.12 21.70
C SER B 134 -29.96 -16.50 20.70
N ASN B 135 -29.61 -15.35 20.12
CA ASN B 135 -30.48 -14.53 19.23
C ASN B 135 -30.24 -14.85 17.75
N ALA B 136 -29.15 -15.55 17.41
CA ALA B 136 -28.62 -15.66 16.03
C ALA B 136 -28.24 -17.10 15.67
N PHE B 137 -29.12 -18.06 15.92
CA PHE B 137 -28.94 -19.50 15.53
C PHE B 137 -29.23 -19.71 14.05
N LEU B 138 -29.83 -18.75 13.34
CA LEU B 138 -30.31 -18.93 11.92
C LEU B 138 -29.45 -18.16 10.91
N ILE B 139 -28.33 -17.55 11.31
CA ILE B 139 -27.47 -16.77 10.37
C ILE B 139 -26.86 -17.73 9.34
N ASN B 140 -26.31 -18.86 9.79
CA ASN B 140 -25.65 -19.87 8.91
C ASN B 140 -26.69 -20.46 7.94
N THR B 141 -27.92 -20.69 8.39
CA THR B 141 -29.04 -21.18 7.53
C THR B 141 -29.39 -20.11 6.50
N LEU B 142 -29.34 -18.83 6.88
CA LEU B 142 -29.64 -17.68 5.98
C LEU B 142 -28.54 -17.56 4.92
N LYS B 143 -27.28 -17.56 5.33
CA LYS B 143 -26.11 -17.47 4.41
C LYS B 143 -26.19 -18.60 3.38
N LYS B 144 -26.40 -19.83 3.84
CA LYS B 144 -26.43 -21.06 3.00
C LYS B 144 -27.59 -20.99 1.99
N THR B 145 -28.79 -20.58 2.45
CA THR B 145 -30.02 -20.48 1.63
C THR B 145 -29.80 -19.47 0.49
N VAL B 146 -29.26 -18.30 0.82
CA VAL B 146 -29.05 -17.15 -0.12
C VAL B 146 -27.98 -17.54 -1.14
N VAL B 147 -26.89 -18.18 -0.70
CA VAL B 147 -25.73 -18.56 -1.56
C VAL B 147 -26.16 -19.68 -2.53
N GLU B 148 -26.92 -20.67 -2.05
CA GLU B 148 -27.39 -21.80 -2.89
C GLU B 148 -28.39 -21.28 -3.94
N SER B 149 -29.26 -20.33 -3.56
CA SER B 149 -30.23 -19.66 -4.46
C SER B 149 -29.48 -18.80 -5.49
N ALA B 150 -28.38 -18.16 -5.07
CA ALA B 150 -27.50 -17.32 -5.93
C ALA B 150 -26.76 -18.20 -6.93
N ILE B 151 -26.38 -19.42 -6.52
CA ILE B 151 -25.73 -20.43 -7.40
C ILE B 151 -26.71 -20.82 -8.50
N ASN B 152 -27.94 -21.21 -8.13
CA ASN B 152 -29.00 -21.66 -9.07
C ASN B 152 -29.33 -20.53 -10.04
N ASP B 153 -29.48 -19.30 -9.55
CA ASP B 153 -29.78 -18.08 -10.37
C ASP B 153 -28.66 -17.85 -11.38
N THR B 154 -27.40 -18.08 -10.99
CA THR B 154 -26.19 -17.85 -11.82
C THR B 154 -26.09 -18.93 -12.92
N LEU B 155 -26.14 -20.22 -12.54
CA LEU B 155 -26.03 -21.36 -13.48
C LEU B 155 -27.15 -21.31 -14.51
N GLU B 156 -28.37 -20.94 -14.09
CA GLU B 156 -29.55 -20.78 -14.99
C GLU B 156 -29.27 -19.64 -15.97
N SER B 157 -28.81 -18.49 -15.44
CA SER B 157 -28.74 -17.19 -16.16
C SER B 157 -27.65 -17.24 -17.23
N PHE B 158 -26.73 -18.21 -17.14
CA PHE B 158 -25.55 -18.36 -18.03
C PHE B 158 -25.52 -19.81 -18.54
N ARG B 159 -26.69 -20.44 -18.63
CA ARG B 159 -26.86 -21.83 -19.12
C ARG B 159 -26.66 -21.87 -20.64
N GLU B 160 -26.86 -20.75 -21.35
CA GLU B 160 -26.58 -20.62 -22.80
C GLU B 160 -25.06 -20.67 -23.04
N ASN B 161 -24.32 -19.71 -22.47
CA ASN B 161 -22.84 -19.61 -22.62
C ASN B 161 -22.17 -20.52 -21.57
N LEU B 162 -22.66 -21.75 -21.41
CA LEU B 162 -22.18 -22.74 -20.41
C LEU B 162 -21.08 -23.60 -21.01
N ASN B 163 -21.36 -24.23 -22.17
CA ASN B 163 -20.40 -25.11 -22.90
C ASN B 163 -19.16 -24.31 -23.31
N ASP B 164 -19.26 -23.00 -23.48
CA ASP B 164 -18.15 -22.10 -23.89
C ASP B 164 -17.17 -21.97 -22.73
N PRO B 165 -15.87 -22.32 -22.92
CA PRO B 165 -14.87 -22.18 -21.85
C PRO B 165 -14.57 -20.75 -21.37
N ARG B 166 -15.07 -19.73 -22.09
CA ARG B 166 -14.97 -18.29 -21.69
C ARG B 166 -15.82 -18.04 -20.44
N PHE B 167 -16.88 -18.84 -20.23
CA PHE B 167 -17.72 -18.83 -19.01
C PHE B 167 -17.12 -19.77 -17.96
N ASP B 168 -15.98 -19.36 -17.41
CA ASP B 168 -15.12 -20.18 -16.49
C ASP B 168 -15.61 -20.03 -15.04
N TYR B 169 -14.84 -20.54 -14.08
CA TYR B 169 -15.15 -20.48 -12.62
C TYR B 169 -15.08 -19.03 -12.14
N ASN B 170 -14.14 -18.24 -12.68
CA ASN B 170 -13.95 -16.80 -12.31
C ASN B 170 -15.20 -16.00 -12.65
N LYS B 171 -15.75 -16.20 -13.85
CA LYS B 171 -16.98 -15.52 -14.35
C LYS B 171 -18.15 -15.89 -13.44
N PHE B 172 -18.26 -17.17 -13.08
CA PHE B 172 -19.35 -17.72 -12.23
C PHE B 172 -19.41 -16.97 -10.88
N PHE B 173 -18.26 -16.83 -10.22
CA PHE B 173 -18.15 -16.26 -8.86
C PHE B 173 -18.34 -14.73 -8.91
N ARG B 174 -17.94 -14.07 -9.99
CA ARG B 174 -18.12 -12.60 -10.19
C ARG B 174 -19.61 -12.29 -10.39
N LYS B 175 -20.31 -13.08 -11.20
CA LYS B 175 -21.76 -12.92 -11.53
C LYS B 175 -22.60 -13.33 -10.32
N ARG B 176 -22.22 -14.41 -9.62
CA ARG B 176 -22.91 -14.90 -8.40
C ARG B 176 -22.81 -13.85 -7.30
N MET B 177 -21.67 -13.15 -7.21
CA MET B 177 -21.42 -12.09 -6.19
C MET B 177 -22.46 -10.97 -6.36
N GLU B 178 -22.74 -10.57 -7.60
CA GLU B 178 -23.72 -9.50 -7.93
C GLU B 178 -25.09 -9.89 -7.35
N ILE B 179 -25.47 -11.17 -7.48
CA ILE B 179 -26.79 -11.71 -7.03
C ILE B 179 -26.78 -11.89 -5.51
N ILE B 180 -25.67 -12.35 -4.93
CA ILE B 180 -25.52 -12.51 -3.45
C ILE B 180 -25.72 -11.13 -2.80
N TYR B 181 -25.08 -10.08 -3.35
CA TYR B 181 -25.17 -8.69 -2.86
C TYR B 181 -26.63 -8.19 -2.87
N ASP B 182 -27.35 -8.40 -3.96
CA ASP B 182 -28.77 -7.99 -4.12
C ASP B 182 -29.62 -8.68 -3.04
N LYS B 183 -29.41 -9.99 -2.85
CA LYS B 183 -30.15 -10.81 -1.84
C LYS B 183 -29.77 -10.37 -0.41
N GLN B 184 -28.49 -10.09 -0.17
CA GLN B 184 -27.98 -9.51 1.11
C GLN B 184 -28.68 -8.19 1.40
N LYS B 185 -28.60 -7.23 0.47
CA LYS B 185 -29.21 -5.89 0.57
C LYS B 185 -30.70 -6.05 0.88
N ASN B 186 -31.39 -6.94 0.18
CA ASN B 186 -32.83 -7.23 0.37
C ASN B 186 -33.08 -7.63 1.83
N PHE B 187 -32.27 -8.53 2.38
CA PHE B 187 -32.38 -9.01 3.78
C PHE B 187 -32.09 -7.86 4.76
N ILE B 188 -30.98 -7.14 4.57
CA ILE B 188 -30.54 -6.03 5.47
C ILE B 188 -31.62 -4.94 5.49
N ASN B 189 -32.24 -4.64 4.33
CA ASN B 189 -33.35 -3.66 4.22
C ASN B 189 -34.55 -4.17 5.04
N TYR B 190 -34.88 -5.46 4.93
CA TYR B 190 -35.98 -6.10 5.70
C TYR B 190 -35.65 -6.04 7.19
N TYR B 191 -34.44 -6.44 7.58
CA TYR B 191 -33.94 -6.42 8.98
C TYR B 191 -34.19 -5.05 9.60
N LYS B 192 -33.77 -3.99 8.90
CA LYS B 192 -33.84 -2.58 9.36
C LYS B 192 -35.30 -2.13 9.44
N ALA B 193 -36.11 -2.46 8.42
CA ALA B 193 -37.57 -2.18 8.38
C ALA B 193 -38.25 -2.77 9.63
N GLN B 194 -37.98 -4.06 9.91
CA GLN B 194 -38.55 -4.82 11.06
C GLN B 194 -38.07 -4.20 12.38
N ARG B 195 -36.83 -3.71 12.43
CA ARG B 195 -36.17 -3.20 13.65
C ARG B 195 -36.75 -1.83 14.04
N GLU B 196 -37.17 -1.01 13.07
CA GLU B 196 -37.77 0.32 13.36
C GLU B 196 -39.26 0.15 13.64
N GLU B 197 -39.93 -0.85 13.05
CA GLU B 197 -41.35 -1.18 13.31
C GLU B 197 -41.50 -1.77 14.73
N ASN B 198 -40.56 -2.62 15.15
CA ASN B 198 -40.62 -3.37 16.44
C ASN B 198 -39.20 -3.63 16.92
N PRO B 199 -38.61 -2.75 17.76
CA PRO B 199 -37.24 -2.96 18.26
C PRO B 199 -37.08 -4.15 19.21
N GLU B 200 -38.20 -4.74 19.66
CA GLU B 200 -38.24 -5.94 20.56
C GLU B 200 -37.76 -7.18 19.79
N LEU B 201 -38.07 -7.30 18.50
CA LEU B 201 -37.71 -8.47 17.66
C LEU B 201 -36.21 -8.75 17.78
N ILE B 202 -35.83 -10.03 17.94
CA ILE B 202 -34.41 -10.49 17.95
C ILE B 202 -34.06 -10.99 16.55
N ILE B 203 -32.78 -11.24 16.30
CA ILE B 203 -32.25 -11.56 14.95
C ILE B 203 -33.02 -12.75 14.37
N ASP B 204 -33.16 -13.85 15.12
CA ASP B 204 -33.77 -15.12 14.65
C ASP B 204 -35.26 -14.94 14.35
N ASP B 205 -35.96 -14.03 15.03
CA ASP B 205 -37.38 -13.68 14.73
C ASP B 205 -37.47 -13.13 13.31
N ILE B 206 -36.57 -12.20 12.97
CA ILE B 206 -36.54 -11.50 11.66
C ILE B 206 -36.08 -12.48 10.59
N VAL B 207 -35.01 -13.24 10.86
CA VAL B 207 -34.40 -14.19 9.87
C VAL B 207 -35.44 -15.23 9.46
N LYS B 208 -36.13 -15.85 10.43
CA LYS B 208 -37.06 -16.98 10.16
C LYS B 208 -38.29 -16.48 9.41
N THR B 209 -38.75 -15.26 9.69
CA THR B 209 -39.89 -14.63 8.96
C THR B 209 -39.43 -14.31 7.53
N TYR B 210 -38.20 -13.80 7.36
CA TYR B 210 -37.60 -13.52 6.04
C TYR B 210 -37.53 -14.81 5.21
N LEU B 211 -37.06 -15.91 5.82
CA LEU B 211 -36.83 -17.21 5.16
C LEU B 211 -38.19 -17.85 4.80
N SER B 212 -39.22 -17.64 5.63
CA SER B 212 -40.62 -18.07 5.36
C SER B 212 -41.18 -17.31 4.16
N ASN B 213 -41.00 -15.98 4.14
CA ASN B 213 -41.51 -15.07 3.08
C ASN B 213 -40.84 -15.38 1.74
N GLU B 214 -39.50 -15.34 1.69
CA GLU B 214 -38.70 -15.25 0.45
C GLU B 214 -38.29 -16.63 -0.07
N TYR B 215 -38.14 -17.62 0.81
CA TYR B 215 -37.54 -18.95 0.47
C TYR B 215 -38.41 -20.11 0.96
N SER B 216 -39.70 -19.85 1.24
CA SER B 216 -40.73 -20.89 1.54
C SER B 216 -40.23 -21.89 2.60
N LYS B 217 -39.50 -21.42 3.61
CA LYS B 217 -39.05 -22.25 4.76
C LYS B 217 -40.17 -22.26 5.81
N GLU B 218 -40.38 -23.38 6.49
CA GLU B 218 -41.42 -23.53 7.55
C GLU B 218 -40.88 -22.95 8.86
N ILE B 219 -41.60 -22.00 9.45
CA ILE B 219 -41.25 -21.35 10.75
C ILE B 219 -41.20 -22.41 11.86
N ASP B 220 -42.08 -23.42 11.81
CA ASP B 220 -42.17 -24.52 12.83
C ASP B 220 -40.86 -25.33 12.84
N GLU B 221 -40.31 -25.62 11.65
CA GLU B 221 -39.06 -26.41 11.48
C GLU B 221 -37.88 -25.58 11.96
N LEU B 222 -37.89 -24.27 11.67
CA LEU B 222 -36.84 -23.31 12.07
C LEU B 222 -36.86 -23.11 13.59
N ASN B 223 -38.05 -23.09 14.21
CA ASN B 223 -38.20 -23.05 15.69
C ASN B 223 -37.63 -24.33 16.31
N THR B 224 -37.87 -25.49 15.70
CA THR B 224 -37.35 -26.80 16.18
C THR B 224 -35.82 -26.79 16.12
N TYR B 225 -35.25 -26.30 15.02
CA TYR B 225 -33.78 -26.19 14.82
C TYR B 225 -33.17 -25.32 15.94
N ILE B 226 -33.78 -24.17 16.22
CA ILE B 226 -33.31 -23.24 17.28
C ILE B 226 -33.36 -23.99 18.62
N GLU B 227 -34.48 -24.67 18.89
CA GLU B 227 -34.74 -25.43 20.15
C GLU B 227 -33.62 -26.46 20.34
N GLU B 228 -33.39 -27.30 19.33
CA GLU B 228 -32.38 -28.40 19.36
C GLU B 228 -30.98 -27.80 19.53
N SER B 229 -30.66 -26.74 18.79
CA SER B 229 -29.34 -26.05 18.83
C SER B 229 -29.10 -25.46 20.22
N LEU B 230 -30.11 -24.77 20.76
CA LEU B 230 -30.04 -24.09 22.07
C LEU B 230 -29.92 -25.14 23.17
N ASN B 231 -30.66 -26.25 23.07
CA ASN B 231 -30.60 -27.37 24.03
C ASN B 231 -29.19 -27.98 24.01
N LYS B 232 -28.60 -28.15 22.83
CA LYS B 232 -27.29 -28.83 22.63
C LYS B 232 -26.18 -28.01 23.29
N ILE B 233 -26.09 -26.71 22.98
CA ILE B 233 -25.04 -25.81 23.52
C ILE B 233 -25.26 -25.61 25.03
N THR B 234 -26.53 -25.55 25.45
CA THR B 234 -26.96 -25.38 26.86
C THR B 234 -26.25 -26.41 27.76
N GLN B 235 -26.13 -27.66 27.30
CA GLN B 235 -25.51 -28.77 28.09
C GLN B 235 -24.11 -29.09 27.55
N ASN B 236 -23.43 -28.11 26.94
CA ASN B 236 -22.00 -28.20 26.54
C ASN B 236 -21.31 -26.88 26.94
N SER B 237 -21.46 -26.47 28.20
CA SER B 237 -20.76 -25.31 28.81
C SER B 237 -21.09 -24.01 28.04
N GLY B 238 -22.30 -23.95 27.45
CA GLY B 238 -22.79 -22.78 26.72
C GLY B 238 -22.72 -21.53 27.58
N ASN B 239 -22.32 -20.41 26.97
CA ASN B 239 -22.21 -19.07 27.61
C ASN B 239 -22.76 -18.04 26.62
N ASP B 240 -23.87 -17.39 26.96
CA ASP B 240 -24.67 -16.57 26.00
C ASP B 240 -24.06 -15.17 25.89
N VAL B 241 -23.71 -14.77 24.66
CA VAL B 241 -23.22 -13.41 24.30
C VAL B 241 -24.24 -12.37 24.79
N ARG B 242 -25.53 -12.70 24.69
CA ARG B 242 -26.66 -11.80 25.06
C ARG B 242 -26.72 -11.61 26.58
N ASN B 243 -25.88 -12.31 27.36
CA ASN B 243 -25.73 -12.13 28.83
C ASN B 243 -24.34 -11.54 29.13
N PHE B 244 -23.56 -11.18 28.11
CA PHE B 244 -22.19 -10.62 28.26
C PHE B 244 -22.28 -9.09 28.17
N GLU B 245 -22.60 -8.45 29.30
CA GLU B 245 -23.04 -7.03 29.38
C GLU B 245 -21.88 -6.11 28.97
N GLU B 246 -20.66 -6.37 29.45
CA GLU B 246 -19.47 -5.52 29.19
C GLU B 246 -19.28 -5.42 27.66
N PHE B 247 -19.41 -6.54 26.96
CA PHE B 247 -19.32 -6.65 25.48
C PHE B 247 -20.48 -5.88 24.84
N LYS B 248 -21.71 -6.09 25.32
CA LYS B 248 -22.96 -5.50 24.75
C LYS B 248 -22.96 -3.97 24.86
N ASN B 249 -22.42 -3.44 25.96
CA ASN B 249 -22.42 -1.99 26.29
C ASN B 249 -21.16 -1.32 25.71
N GLY B 250 -20.22 -2.12 25.20
CA GLY B 250 -18.93 -1.66 24.66
C GLY B 250 -19.03 -1.14 23.24
N GLU B 251 -17.91 -0.62 22.72
CA GLU B 251 -17.81 0.10 21.42
C GLU B 251 -17.73 -0.90 20.27
N SER B 252 -17.55 -2.19 20.56
CA SER B 252 -17.29 -3.26 19.56
C SER B 252 -18.58 -4.03 19.20
N PHE B 253 -19.64 -3.92 20.00
CA PHE B 253 -20.87 -4.73 19.80
C PHE B 253 -21.54 -4.40 18.46
N ASN B 254 -21.49 -3.13 18.02
CA ASN B 254 -22.06 -2.70 16.71
C ASN B 254 -21.28 -3.36 15.56
N LEU B 255 -19.98 -3.58 15.77
CA LEU B 255 -19.08 -4.22 14.78
C LEU B 255 -19.38 -5.72 14.73
N TYR B 256 -19.53 -6.35 15.91
CA TYR B 256 -19.91 -7.76 16.07
C TYR B 256 -21.21 -8.03 15.29
N GLU B 257 -22.21 -7.15 15.45
CA GLU B 257 -23.54 -7.31 14.80
C GLU B 257 -23.44 -7.00 13.30
N GLN B 258 -22.55 -6.08 12.92
CA GLN B 258 -22.26 -5.78 11.50
C GLN B 258 -21.85 -7.07 10.79
N GLU B 259 -20.92 -7.82 11.39
CA GLU B 259 -20.36 -9.08 10.82
C GLU B 259 -21.38 -10.22 10.92
N LEU B 260 -22.09 -10.31 12.03
CA LEU B 260 -23.11 -11.36 12.28
C LEU B 260 -24.29 -11.18 11.33
N VAL B 261 -24.84 -9.97 11.21
CA VAL B 261 -26.20 -9.73 10.62
C VAL B 261 -26.11 -9.26 9.17
N GLU B 262 -25.14 -8.41 8.82
CA GLU B 262 -25.04 -7.79 7.47
C GLU B 262 -24.09 -8.60 6.58
N ARG B 263 -22.91 -8.98 7.09
CA ARG B 263 -21.81 -9.59 6.30
C ARG B 263 -21.85 -11.12 6.40
N TRP B 264 -22.55 -11.67 7.40
CA TRP B 264 -22.63 -13.13 7.68
C TRP B 264 -21.23 -13.73 7.76
N ASN B 265 -20.30 -13.03 8.41
CA ASN B 265 -18.91 -13.49 8.65
C ASN B 265 -18.76 -13.82 10.14
N LEU B 266 -18.90 -15.09 10.49
CA LEU B 266 -18.93 -15.57 11.89
C LEU B 266 -17.50 -15.65 12.44
N ALA B 267 -16.49 -15.70 11.56
CA ALA B 267 -15.06 -15.67 11.96
C ALA B 267 -14.70 -14.26 12.42
N ALA B 268 -15.16 -13.24 11.70
CA ALA B 268 -14.95 -11.80 12.04
C ALA B 268 -15.65 -11.50 13.36
N ALA B 269 -16.91 -11.93 13.52
CA ALA B 269 -17.71 -11.73 14.74
C ALA B 269 -17.02 -12.45 15.92
N SER B 270 -16.49 -13.64 15.67
CA SER B 270 -15.71 -14.47 16.62
C SER B 270 -14.43 -13.72 17.04
N ASP B 271 -13.75 -13.09 16.06
CA ASP B 271 -12.52 -12.28 16.29
C ASP B 271 -12.81 -11.17 17.29
N ILE B 272 -13.95 -10.50 17.14
CA ILE B 272 -14.35 -9.31 17.94
C ILE B 272 -14.72 -9.76 19.35
N LEU B 273 -15.43 -10.89 19.48
CA LEU B 273 -15.92 -11.49 20.76
C LEU B 273 -14.74 -12.04 21.58
N ARG B 274 -13.87 -12.84 20.96
CA ARG B 274 -12.81 -13.61 21.68
C ARG B 274 -11.93 -12.64 22.47
N ILE B 275 -11.57 -11.49 21.90
CA ILE B 275 -10.63 -10.53 22.54
C ILE B 275 -11.33 -9.81 23.69
N SER B 276 -12.64 -9.56 23.57
CA SER B 276 -13.47 -8.99 24.66
C SER B 276 -13.50 -9.97 25.84
N ALA B 277 -13.73 -11.27 25.56
CA ALA B 277 -13.77 -12.37 26.56
C ALA B 277 -12.46 -12.39 27.36
N LEU B 278 -11.31 -12.33 26.67
CA LEU B 278 -9.97 -12.34 27.29
C LEU B 278 -9.79 -11.09 28.16
N LYS B 279 -10.18 -9.92 27.66
CA LYS B 279 -10.02 -8.62 28.36
C LYS B 279 -10.86 -8.60 29.65
N GLU B 280 -12.12 -9.04 29.57
CA GLU B 280 -13.11 -8.92 30.68
C GLU B 280 -12.95 -10.09 31.67
N ILE B 281 -12.50 -11.27 31.23
CA ILE B 281 -12.50 -12.52 32.04
C ILE B 281 -11.07 -13.06 32.24
N GLY B 282 -10.22 -12.99 31.22
CA GLY B 282 -8.89 -13.61 31.22
C GLY B 282 -8.95 -15.10 30.94
N GLY B 283 -7.82 -15.69 30.60
CA GLY B 283 -7.69 -17.14 30.32
C GLY B 283 -7.10 -17.39 28.94
N MET B 284 -7.52 -18.48 28.31
CA MET B 284 -7.02 -18.94 26.99
C MET B 284 -8.18 -19.09 26.03
N TYR B 285 -8.13 -18.41 24.87
CA TYR B 285 -9.09 -18.59 23.76
C TYR B 285 -8.51 -19.64 22.80
N LEU B 286 -9.37 -20.55 22.33
CA LEU B 286 -9.02 -21.60 21.33
C LEU B 286 -10.16 -21.69 20.30
N ASP B 287 -9.81 -21.68 19.01
CA ASP B 287 -10.75 -22.04 17.91
C ASP B 287 -11.24 -23.47 18.20
N VAL B 288 -12.47 -23.77 17.79
CA VAL B 288 -13.12 -25.10 18.03
C VAL B 288 -12.43 -26.20 17.19
N ASP B 289 -11.48 -25.84 16.32
CA ASP B 289 -10.72 -26.80 15.47
C ASP B 289 -9.35 -27.08 16.08
N MET B 290 -9.01 -26.49 17.23
CA MET B 290 -7.70 -26.71 17.91
C MET B 290 -7.86 -27.87 18.90
N LEU B 291 -6.78 -28.63 19.14
CA LEU B 291 -6.76 -29.76 20.09
C LEU B 291 -5.62 -29.55 21.07
N PRO B 292 -5.62 -30.24 22.24
CA PRO B 292 -4.55 -30.08 23.22
C PRO B 292 -3.18 -30.42 22.64
N GLY B 293 -2.12 -29.90 23.25
CA GLY B 293 -0.73 -30.27 22.91
C GLY B 293 -0.51 -31.74 23.15
N ILE B 294 0.21 -32.40 22.24
CA ILE B 294 0.68 -33.80 22.41
C ILE B 294 1.87 -33.77 23.40
N GLN B 295 1.91 -34.73 24.33
CA GLN B 295 3.03 -34.91 25.27
C GLN B 295 4.33 -34.94 24.45
N PRO B 296 5.32 -34.06 24.73
CA PRO B 296 6.54 -34.00 23.94
C PRO B 296 7.27 -35.35 23.77
N ASP B 297 7.25 -36.18 24.82
CA ASP B 297 8.00 -37.47 24.90
C ASP B 297 7.28 -38.58 24.13
N LEU B 298 6.00 -38.42 23.78
CA LEU B 298 5.14 -39.51 23.26
C LEU B 298 5.81 -40.19 22.06
N PHE B 299 6.05 -39.44 20.97
CA PHE B 299 6.54 -39.97 19.67
C PHE B 299 8.03 -39.63 19.48
N GLU B 300 8.75 -39.37 20.58
CA GLU B 300 10.21 -39.13 20.65
C GLU B 300 10.98 -40.22 19.89
N SER B 301 10.56 -41.48 20.04
CA SER B 301 11.26 -42.70 19.55
C SER B 301 11.01 -42.94 18.05
N ILE B 302 10.05 -42.24 17.43
CA ILE B 302 9.68 -42.40 16.00
C ILE B 302 10.26 -41.23 15.18
N GLU B 303 11.23 -41.50 14.33
CA GLU B 303 11.90 -40.52 13.44
C GLU B 303 10.96 -40.17 12.28
N LYS B 304 10.87 -38.89 11.92
CA LYS B 304 10.09 -38.41 10.76
C LYS B 304 10.78 -38.88 9.48
N PRO B 305 10.11 -39.66 8.60
CA PRO B 305 10.63 -39.94 7.28
C PRO B 305 10.94 -38.64 6.53
N SER B 306 12.02 -38.60 5.74
CA SER B 306 12.33 -37.50 4.80
C SER B 306 11.24 -37.40 3.73
N SER B 307 10.49 -38.50 3.51
CA SER B 307 9.48 -38.70 2.44
C SER B 307 8.18 -37.95 2.74
N VAL B 308 8.13 -37.21 3.85
CA VAL B 308 6.87 -36.64 4.41
C VAL B 308 7.20 -35.24 4.93
N THR B 309 6.31 -34.25 4.71
CA THR B 309 6.49 -32.84 5.13
C THR B 309 6.31 -32.73 6.64
N VAL B 310 6.74 -31.61 7.23
CA VAL B 310 6.55 -31.28 8.67
C VAL B 310 5.05 -31.32 8.99
N ASP B 311 4.23 -30.65 8.17
CA ASP B 311 2.75 -30.55 8.36
C ASP B 311 2.10 -31.93 8.26
N PHE B 312 2.52 -32.76 7.30
CA PHE B 312 2.04 -34.15 7.11
C PHE B 312 2.27 -34.93 8.41
N TRP B 313 3.48 -34.84 8.95
CA TRP B 313 3.93 -35.60 10.16
C TRP B 313 3.10 -35.18 11.37
N GLU B 314 2.89 -33.87 11.59
CA GLU B 314 2.07 -33.34 12.72
C GLU B 314 0.63 -33.85 12.58
N MET B 315 0.10 -33.93 11.35
CA MET B 315 -1.28 -34.43 11.11
C MET B 315 -1.34 -35.92 11.45
N THR B 316 -0.36 -36.73 11.01
CA THR B 316 -0.37 -38.20 11.20
C THR B 316 -0.27 -38.54 12.70
N LYS B 317 0.45 -37.75 13.49
CA LYS B 317 0.53 -37.91 14.97
C LYS B 317 -0.88 -37.89 15.57
N LEU B 318 -1.69 -36.88 15.24
CA LEU B 318 -3.10 -36.77 15.72
C LEU B 318 -3.93 -37.91 15.12
N GLU B 319 -3.69 -38.28 13.87
CA GLU B 319 -4.47 -39.32 13.16
C GLU B 319 -4.18 -40.68 13.80
N ALA B 320 -2.91 -40.94 14.13
CA ALA B 320 -2.44 -42.15 14.84
C ALA B 320 -3.22 -42.28 16.14
N ILE B 321 -3.14 -41.26 16.99
CA ILE B 321 -3.81 -41.20 18.33
C ILE B 321 -5.28 -41.58 18.13
N MET B 322 -5.97 -40.95 17.18
CA MET B 322 -7.44 -41.09 16.99
C MET B 322 -7.77 -42.44 16.33
N LYS B 323 -6.84 -43.02 15.56
CA LYS B 323 -7.03 -44.35 14.93
C LYS B 323 -7.06 -45.43 16.02
N TYR B 324 -6.14 -45.36 16.99
CA TYR B 324 -5.88 -46.44 17.99
C TYR B 324 -6.59 -46.16 19.32
N LYS B 325 -6.83 -44.90 19.69
CA LYS B 325 -7.52 -44.53 20.96
C LYS B 325 -8.99 -44.14 20.69
N GLU B 326 -9.31 -43.75 19.46
CA GLU B 326 -10.70 -43.45 19.01
C GLU B 326 -11.35 -42.41 19.91
N TYR B 327 -10.56 -41.49 20.50
CA TYR B 327 -11.05 -40.37 21.36
C TYR B 327 -12.07 -39.53 20.60
N ILE B 328 -11.82 -39.27 19.31
CA ILE B 328 -12.76 -38.54 18.40
C ILE B 328 -13.20 -39.52 17.31
N PRO B 329 -14.48 -39.97 17.32
CA PRO B 329 -14.97 -40.85 16.26
C PRO B 329 -14.96 -40.16 14.90
N GLU B 330 -14.67 -40.92 13.84
CA GLU B 330 -14.76 -40.49 12.42
C GLU B 330 -13.64 -39.49 12.09
N TYR B 331 -12.62 -39.35 12.95
CA TYR B 331 -11.38 -38.58 12.62
C TYR B 331 -10.67 -39.29 11.46
N THR B 332 -10.21 -38.52 10.48
CA THR B 332 -9.54 -39.01 9.25
C THR B 332 -8.31 -39.84 9.59
N SER B 333 -7.97 -40.81 8.73
CA SER B 333 -6.68 -41.56 8.73
C SER B 333 -5.96 -41.35 7.39
N GLU B 334 -6.41 -40.36 6.60
CA GLU B 334 -5.96 -40.13 5.20
C GLU B 334 -4.44 -40.15 5.13
N HIS B 335 -3.75 -39.45 6.04
CA HIS B 335 -2.28 -39.24 6.01
C HIS B 335 -1.58 -40.44 6.69
N PHE B 336 -2.11 -40.93 7.81
CA PHE B 336 -1.57 -42.09 8.56
C PHE B 336 -1.54 -43.33 7.63
N ASP B 337 -2.59 -43.51 6.84
CA ASP B 337 -2.80 -44.72 5.98
C ASP B 337 -1.82 -44.73 4.80
N MET B 338 -1.13 -43.61 4.54
CA MET B 338 -0.14 -43.49 3.44
C MET B 338 1.25 -43.92 3.92
N LEU B 339 1.46 -44.03 5.24
CA LEU B 339 2.78 -44.40 5.82
C LEU B 339 3.11 -45.86 5.47
N ASP B 340 4.40 -46.17 5.41
CA ASP B 340 4.92 -47.55 5.29
C ASP B 340 4.48 -48.34 6.54
N GLU B 341 4.15 -49.62 6.38
CA GLU B 341 3.57 -50.48 7.44
C GLU B 341 4.44 -50.43 8.70
N GLU B 342 5.76 -50.45 8.53
CA GLU B 342 6.75 -50.43 9.64
C GLU B 342 6.54 -49.18 10.51
N VAL B 343 6.27 -48.02 9.89
CA VAL B 343 6.08 -46.71 10.58
C VAL B 343 4.72 -46.72 11.30
N GLN B 344 3.66 -47.19 10.62
CA GLN B 344 2.32 -47.38 11.22
C GLN B 344 2.44 -48.25 12.47
N SER B 345 3.20 -49.35 12.37
CA SER B 345 3.48 -50.32 13.47
C SER B 345 4.12 -49.60 14.66
N SER B 346 5.13 -48.74 14.40
CA SER B 346 5.85 -47.94 15.43
C SER B 346 4.84 -47.11 16.23
N PHE B 347 3.90 -46.46 15.53
CA PHE B 347 2.83 -45.62 16.14
C PHE B 347 1.93 -46.49 17.02
N GLU B 348 1.42 -47.60 16.49
CA GLU B 348 0.53 -48.57 17.19
C GLU B 348 1.20 -49.04 18.48
N SER B 349 2.47 -49.46 18.38
CA SER B 349 3.27 -50.03 19.48
C SER B 349 3.45 -48.99 20.61
N VAL B 350 3.73 -47.74 20.26
CA VAL B 350 3.91 -46.62 21.23
C VAL B 350 2.58 -46.37 21.95
N LEU B 351 1.49 -46.27 21.20
CA LEU B 351 0.14 -45.90 21.72
C LEU B 351 -0.43 -47.05 22.55
N ALA B 352 -0.08 -48.31 22.22
CA ALA B 352 -0.48 -49.53 22.96
C ALA B 352 0.11 -49.51 24.37
N SER B 353 1.26 -48.86 24.58
CA SER B 353 2.01 -48.77 25.86
C SER B 353 1.46 -47.63 26.74
N LYS B 354 0.44 -46.90 26.27
CA LYS B 354 -0.23 -45.82 27.04
C LYS B 354 -1.67 -46.25 27.34
N SER B 355 -2.12 -46.04 28.58
CA SER B 355 -3.45 -46.46 29.09
C SER B 355 -4.37 -45.26 29.35
N ASP B 356 -3.82 -44.12 29.78
CA ASP B 356 -4.59 -42.91 30.16
C ASP B 356 -4.34 -41.78 29.15
N LYS B 357 -5.35 -40.93 28.93
CA LYS B 357 -5.32 -39.78 27.99
C LYS B 357 -4.24 -38.77 28.40
N SER B 358 -3.93 -38.65 29.70
CA SER B 358 -2.92 -37.70 30.22
C SER B 358 -1.50 -38.08 29.76
N GLU B 359 -1.32 -39.31 29.27
CA GLU B 359 -0.03 -39.80 28.70
C GLU B 359 0.09 -39.44 27.22
N ILE B 360 -1.04 -39.10 26.58
CA ILE B 360 -1.12 -38.72 25.14
C ILE B 360 -1.09 -37.18 25.03
N PHE B 361 -2.11 -36.51 25.59
CA PHE B 361 -2.26 -35.03 25.60
C PHE B 361 -1.73 -34.45 26.92
N SER B 362 -1.06 -33.30 26.84
CA SER B 362 -0.51 -32.56 28.01
C SER B 362 -1.60 -31.65 28.59
N SER B 363 -1.39 -31.20 29.83
CA SER B 363 -2.29 -30.27 30.55
C SER B 363 -1.66 -28.88 30.57
N LEU B 364 -2.50 -27.83 30.48
CA LEU B 364 -2.07 -26.41 30.59
C LEU B 364 -1.53 -26.16 32.00
N GLY B 365 -2.24 -26.64 33.03
CA GLY B 365 -1.89 -26.49 34.45
C GLY B 365 -1.85 -25.03 34.86
N ASP B 366 -0.97 -24.69 35.82
CA ASP B 366 -0.77 -23.29 36.29
C ASP B 366 0.03 -22.54 35.21
N MET B 367 -0.62 -21.63 34.50
CA MET B 367 0.03 -20.77 33.48
C MET B 367 0.14 -19.35 34.05
N GLU B 368 1.18 -18.63 33.63
CA GLU B 368 1.40 -17.21 34.03
C GLU B 368 1.89 -16.44 32.80
N ALA B 369 1.51 -15.17 32.71
CA ALA B 369 1.85 -14.24 31.61
C ALA B 369 2.04 -12.83 32.20
N SER B 370 2.62 -11.92 31.43
CA SER B 370 2.79 -10.49 31.79
C SER B 370 1.43 -9.81 31.82
N PRO B 371 1.15 -8.93 32.81
CA PRO B 371 -0.03 -8.07 32.73
C PRO B 371 -0.03 -7.16 31.49
N LEU B 372 1.10 -7.02 30.79
CA LEU B 372 1.25 -6.18 29.58
C LEU B 372 0.69 -6.89 28.33
N GLU B 373 0.80 -8.22 28.27
CA GLU B 373 0.80 -8.98 27.00
C GLU B 373 -0.51 -9.77 26.80
N VAL B 374 -0.79 -10.06 25.53
CA VAL B 374 -1.61 -11.19 25.04
C VAL B 374 -0.65 -12.11 24.27
N LYS B 375 -0.51 -13.36 24.68
CA LYS B 375 0.28 -14.39 23.94
C LYS B 375 -0.57 -14.91 22.77
N ILE B 376 0.05 -15.24 21.64
CA ILE B 376 -0.64 -15.65 20.39
C ILE B 376 0.06 -16.88 19.79
N ALA B 377 -0.71 -17.73 19.11
CA ALA B 377 -0.24 -18.96 18.43
C ALA B 377 0.57 -18.57 17.18
N PHE B 378 1.40 -19.50 16.70
CA PHE B 378 2.30 -19.37 15.54
C PHE B 378 2.11 -20.57 14.60
N ASN B 379 2.11 -20.31 13.29
CA ASN B 379 2.37 -21.32 12.24
C ASN B 379 3.58 -20.83 11.41
N SER B 380 3.94 -21.53 10.33
CA SER B 380 5.11 -21.21 9.47
C SER B 380 4.92 -19.83 8.79
N LYS B 381 3.68 -19.39 8.57
CA LYS B 381 3.35 -18.07 7.93
C LYS B 381 3.38 -16.94 8.98
N GLY B 382 3.40 -17.27 10.27
CA GLY B 382 3.54 -16.27 11.36
C GLY B 382 2.44 -16.40 12.40
N ILE B 383 2.12 -15.30 13.08
CA ILE B 383 1.17 -15.28 14.23
C ILE B 383 -0.23 -15.60 13.70
N ILE B 384 -1.05 -16.24 14.53
CA ILE B 384 -2.45 -16.63 14.19
C ILE B 384 -3.27 -16.70 15.48
N ASN B 385 -4.45 -16.06 15.48
CA ASN B 385 -5.27 -15.79 16.68
C ASN B 385 -6.21 -16.97 16.97
N GLN B 386 -5.92 -18.15 16.43
CA GLN B 386 -6.65 -19.42 16.71
C GLN B 386 -6.32 -19.89 18.14
N GLY B 387 -5.24 -19.36 18.73
CA GLY B 387 -4.85 -19.59 20.12
C GLY B 387 -4.35 -18.30 20.76
N LEU B 388 -4.89 -17.96 21.94
CA LEU B 388 -4.60 -16.69 22.68
C LEU B 388 -4.60 -16.98 24.19
N ILE B 389 -3.56 -16.55 24.90
CA ILE B 389 -3.50 -16.54 26.40
C ILE B 389 -3.34 -15.08 26.86
N SER B 390 -4.15 -14.65 27.83
CA SER B 390 -4.08 -13.31 28.46
C SER B 390 -4.67 -13.34 29.87
N VAL B 391 -4.02 -12.65 30.80
CA VAL B 391 -4.61 -12.34 32.14
C VAL B 391 -5.73 -11.33 31.91
N LYS B 392 -6.77 -11.37 32.75
CA LYS B 392 -7.89 -10.39 32.77
C LYS B 392 -7.31 -8.98 32.61
N ASP B 393 -7.85 -8.20 31.65
CA ASP B 393 -7.60 -6.74 31.49
C ASP B 393 -6.11 -6.47 31.24
N SER B 394 -5.41 -7.33 30.50
CA SER B 394 -4.00 -7.12 30.06
C SER B 394 -3.91 -5.81 29.29
N TYR B 395 -2.74 -5.16 29.27
CA TYR B 395 -2.55 -3.87 28.55
C TYR B 395 -2.73 -4.11 27.04
N CYS B 396 -2.22 -5.23 26.52
CA CYS B 396 -2.27 -5.59 25.07
C CYS B 396 -3.70 -5.95 24.66
N SER B 397 -4.50 -6.58 25.54
CA SER B 397 -5.92 -6.90 25.25
C SER B 397 -6.67 -5.60 24.97
N ASN B 398 -6.35 -4.53 25.71
CA ASN B 398 -6.94 -3.17 25.51
C ASN B 398 -6.45 -2.61 24.16
N LEU B 399 -5.14 -2.67 23.90
CA LEU B 399 -4.53 -2.15 22.64
C LEU B 399 -5.18 -2.84 21.43
N ILE B 400 -5.45 -4.16 21.51
CA ILE B 400 -5.99 -4.99 20.39
C ILE B 400 -7.45 -4.58 20.13
N VAL B 401 -8.25 -4.45 21.18
CA VAL B 401 -9.64 -3.92 21.08
C VAL B 401 -9.62 -2.59 20.33
N LYS B 402 -8.72 -1.66 20.73
CA LYS B 402 -8.60 -0.29 20.14
C LYS B 402 -8.17 -0.37 18.67
N GLN B 403 -7.27 -1.30 18.34
CA GLN B 403 -6.82 -1.57 16.95
C GLN B 403 -8.04 -1.95 16.09
N ILE B 404 -8.83 -2.92 16.56
CA ILE B 404 -10.02 -3.44 15.82
C ILE B 404 -11.02 -2.31 15.63
N GLU B 405 -11.30 -1.55 16.69
CA GLU B 405 -12.28 -0.42 16.69
C GLU B 405 -11.80 0.65 15.70
N ASN B 406 -10.50 0.99 15.69
CA ASN B 406 -9.90 2.00 14.78
C ASN B 406 -9.99 1.48 13.33
N ARG B 407 -9.70 0.20 13.11
CA ARG B 407 -9.70 -0.44 11.76
C ARG B 407 -11.11 -0.43 11.16
N TYR B 408 -12.13 -0.71 11.98
CA TYR B 408 -13.55 -0.71 11.58
C TYR B 408 -14.01 0.74 11.34
N LYS B 409 -13.48 1.71 12.09
CA LYS B 409 -13.82 3.15 11.94
C LYS B 409 -13.41 3.61 10.55
N ILE B 410 -12.17 3.28 10.12
CA ILE B 410 -11.63 3.60 8.77
C ILE B 410 -12.53 2.94 7.72
N LEU B 411 -12.87 1.65 7.91
CA LEU B 411 -13.69 0.88 6.95
C LEU B 411 -15.07 1.54 6.80
N ASN B 412 -15.81 1.62 7.90
CA ASN B 412 -17.24 2.05 7.94
C ASN B 412 -17.35 3.46 7.37
N ASN B 413 -16.34 4.30 7.67
CA ASN B 413 -16.23 5.71 7.19
C ASN B 413 -16.32 5.75 5.65
N SER B 414 -15.67 4.82 4.96
CA SER B 414 -15.66 4.67 3.48
C SER B 414 -16.86 3.85 3.01
N LEU B 415 -17.25 2.82 3.79
CA LEU B 415 -18.25 1.81 3.36
C LEU B 415 -19.67 2.37 3.47
N ASN B 416 -20.03 2.96 4.61
CA ASN B 416 -21.43 3.33 4.96
C ASN B 416 -21.99 4.35 3.96
N PRO B 417 -21.25 5.42 3.58
CA PRO B 417 -21.73 6.33 2.54
C PRO B 417 -22.10 5.60 1.24
N ALA B 418 -21.24 4.67 0.80
CA ALA B 418 -21.41 3.87 -0.44
C ALA B 418 -22.70 3.03 -0.37
N ILE B 419 -22.96 2.39 0.77
CA ILE B 419 -24.15 1.51 0.96
C ILE B 419 -25.42 2.37 0.97
N SER B 420 -25.34 3.57 1.54
CA SER B 420 -26.51 4.49 1.72
C SER B 420 -27.01 4.99 0.36
N GLU B 421 -26.17 4.97 -0.68
CA GLU B 421 -26.56 5.38 -2.06
C GLU B 421 -27.53 4.36 -2.67
N ASP B 422 -27.61 3.15 -2.11
CA ASP B 422 -28.60 2.10 -2.48
C ASP B 422 -28.49 1.79 -3.98
N ASN B 423 -27.28 1.45 -4.44
CA ASN B 423 -27.00 1.07 -5.85
C ASN B 423 -26.64 -0.43 -5.91
N ASP B 424 -26.49 -0.98 -7.11
CA ASP B 424 -26.10 -2.39 -7.36
C ASP B 424 -24.66 -2.63 -6.87
N PHE B 425 -24.18 -3.88 -6.92
CA PHE B 425 -22.88 -4.32 -6.36
C PHE B 425 -21.72 -3.56 -7.03
N ASN B 426 -21.73 -3.46 -8.36
CA ASN B 426 -20.62 -2.84 -9.14
C ASN B 426 -20.52 -1.36 -8.76
N THR B 427 -21.63 -0.62 -8.81
CA THR B 427 -21.69 0.83 -8.49
C THR B 427 -21.26 1.06 -7.03
N THR B 428 -21.77 0.24 -6.11
CA THR B 428 -21.44 0.30 -4.66
C THR B 428 -19.94 0.02 -4.49
N THR B 429 -19.45 -1.08 -5.09
CA THR B 429 -18.02 -1.50 -5.07
C THR B 429 -17.14 -0.32 -5.52
N ASN B 430 -17.57 0.39 -6.56
CA ASN B 430 -16.82 1.49 -7.26
C ASN B 430 -16.69 2.70 -6.33
N THR B 431 -17.79 3.11 -5.68
CA THR B 431 -17.86 4.25 -4.73
C THR B 431 -16.99 3.96 -3.50
N PHE B 432 -17.10 2.73 -2.97
CA PHE B 432 -16.35 2.22 -1.80
C PHE B 432 -14.84 2.32 -2.07
N ILE B 433 -14.39 1.74 -3.18
CA ILE B 433 -12.95 1.65 -3.54
C ILE B 433 -12.40 3.04 -3.83
N ASP B 434 -13.16 3.92 -4.51
CA ASP B 434 -12.80 5.35 -4.73
C ASP B 434 -12.48 6.00 -3.39
N SER B 435 -13.36 5.84 -2.41
CA SER B 435 -13.25 6.40 -1.04
C SER B 435 -12.03 5.79 -0.31
N ILE B 436 -11.87 4.48 -0.42
CA ILE B 436 -10.72 3.72 0.17
C ILE B 436 -9.41 4.32 -0.37
N MET B 437 -9.26 4.36 -1.70
CA MET B 437 -8.04 4.89 -2.40
C MET B 437 -7.86 6.37 -2.09
N ALA B 438 -8.94 7.14 -1.92
CA ALA B 438 -8.91 8.57 -1.55
C ALA B 438 -8.26 8.74 -0.17
N GLU B 439 -8.70 7.96 0.82
CA GLU B 439 -8.28 8.11 2.26
C GLU B 439 -6.93 7.42 2.51
N ALA B 440 -6.47 6.55 1.59
CA ALA B 440 -5.20 5.79 1.71
C ALA B 440 -4.01 6.77 1.74
N ASN B 441 -3.03 6.51 2.61
CA ASN B 441 -1.73 7.22 2.68
C ASN B 441 -0.61 6.18 2.78
N ALA B 442 0.64 6.63 2.95
CA ALA B 442 1.84 5.77 3.04
C ALA B 442 1.76 4.86 4.29
N ASP B 443 1.21 5.39 5.39
CA ASP B 443 1.13 4.70 6.71
C ASP B 443 0.16 3.52 6.62
N ASN B 444 -1.09 3.75 6.18
CA ASN B 444 -2.18 2.75 6.20
C ASN B 444 -2.38 2.14 4.80
N GLY B 445 -1.44 2.35 3.88
CA GLY B 445 -1.56 1.97 2.45
C GLY B 445 -1.86 0.49 2.28
N ARG B 446 -1.03 -0.37 2.88
CA ARG B 446 -1.08 -1.85 2.74
C ARG B 446 -2.43 -2.37 3.30
N PHE B 447 -2.84 -1.89 4.47
CA PHE B 447 -4.11 -2.22 5.16
C PHE B 447 -5.30 -1.89 4.24
N MET B 448 -5.28 -0.69 3.64
CA MET B 448 -6.41 -0.14 2.84
C MET B 448 -6.63 -0.99 1.58
N MET B 449 -5.55 -1.56 1.03
CA MET B 449 -5.61 -2.40 -0.21
C MET B 449 -6.24 -3.77 0.08
N GLU B 450 -6.46 -4.10 1.35
CA GLU B 450 -7.13 -5.36 1.78
C GLU B 450 -8.61 -5.11 2.11
N LEU B 451 -8.97 -3.86 2.43
CA LEU B 451 -10.37 -3.44 2.72
C LEU B 451 -11.19 -3.38 1.43
N GLY B 452 -10.55 -3.19 0.28
CA GLY B 452 -11.22 -3.12 -1.04
C GLY B 452 -12.15 -4.31 -1.29
N LYS B 453 -11.82 -5.48 -0.71
CA LYS B 453 -12.47 -6.77 -0.99
C LYS B 453 -13.53 -7.11 0.09
N TYR B 454 -13.74 -6.22 1.06
CA TYR B 454 -14.60 -6.46 2.24
C TYR B 454 -15.97 -6.99 1.82
N LEU B 455 -16.57 -6.46 0.76
CA LEU B 455 -17.95 -6.82 0.33
C LEU B 455 -18.02 -8.27 -0.16
N ARG B 456 -16.88 -8.89 -0.48
CA ARG B 456 -16.80 -10.24 -1.09
C ARG B 456 -16.48 -11.33 -0.07
N VAL B 457 -16.11 -10.97 1.16
CA VAL B 457 -15.62 -11.94 2.19
C VAL B 457 -16.64 -13.07 2.31
N GLY B 458 -16.18 -14.31 2.14
CA GLY B 458 -16.99 -15.54 2.31
C GLY B 458 -17.68 -16.00 1.02
N PHE B 459 -17.71 -15.16 -0.02
CA PHE B 459 -18.51 -15.40 -1.26
C PHE B 459 -17.61 -15.51 -2.49
N PHE B 460 -16.29 -15.32 -2.34
CA PHE B 460 -15.32 -15.22 -3.45
C PHE B 460 -13.98 -15.79 -3.00
N PRO B 461 -13.26 -16.56 -3.85
CA PRO B 461 -12.00 -17.18 -3.44
C PRO B 461 -10.89 -16.17 -3.08
N ASP B 462 -10.04 -16.56 -2.12
CA ASP B 462 -8.81 -15.83 -1.68
C ASP B 462 -9.15 -14.38 -1.31
N VAL B 463 -10.25 -14.20 -0.59
CA VAL B 463 -10.61 -12.92 0.10
C VAL B 463 -10.39 -13.14 1.59
N LYS B 464 -9.34 -12.54 2.16
CA LYS B 464 -8.91 -12.74 3.57
C LYS B 464 -8.91 -11.40 4.29
N THR B 465 -9.79 -10.46 3.92
CA THR B 465 -9.89 -9.08 4.47
C THR B 465 -9.89 -9.12 6.01
N THR B 466 -10.61 -10.08 6.61
CA THR B 466 -10.87 -10.21 8.06
C THR B 466 -9.56 -10.21 8.86
N ILE B 467 -8.48 -10.78 8.30
CA ILE B 467 -7.16 -10.94 8.99
C ILE B 467 -6.58 -9.56 9.29
N ASN B 468 -6.92 -8.55 8.47
CA ASN B 468 -6.38 -7.16 8.58
C ASN B 468 -7.25 -6.32 9.51
N LEU B 469 -8.53 -6.65 9.64
CA LEU B 469 -9.56 -5.85 10.36
C LEU B 469 -9.62 -6.31 11.83
N SER B 470 -9.99 -7.57 12.06
CA SER B 470 -10.26 -8.15 13.41
C SER B 470 -9.25 -9.25 13.75
N GLY B 471 -8.39 -9.65 12.81
CA GLY B 471 -7.58 -10.88 12.89
C GLY B 471 -6.14 -10.60 13.27
N PRO B 472 -5.21 -11.54 12.94
CA PRO B 472 -3.81 -11.44 13.35
C PRO B 472 -3.15 -10.05 13.22
N GLU B 473 -3.45 -9.31 12.14
CA GLU B 473 -2.77 -8.02 11.84
C GLU B 473 -3.07 -7.02 12.96
N ALA B 474 -4.27 -7.07 13.56
CA ALA B 474 -4.66 -6.24 14.72
C ALA B 474 -3.71 -6.53 15.89
N TYR B 475 -3.34 -7.81 16.08
CA TYR B 475 -2.49 -8.30 17.21
C TYR B 475 -1.05 -7.81 16.98
N ALA B 476 -0.54 -7.95 15.75
CA ALA B 476 0.81 -7.49 15.36
C ALA B 476 0.91 -5.99 15.61
N ALA B 477 -0.10 -5.23 15.18
CA ALA B 477 -0.22 -3.76 15.34
C ALA B 477 -0.22 -3.39 16.82
N ALA B 478 -0.92 -4.17 17.65
CA ALA B 478 -1.01 -3.94 19.12
C ALA B 478 0.35 -4.16 19.78
N TYR B 479 1.10 -5.17 19.34
CA TYR B 479 2.47 -5.47 19.83
C TYR B 479 3.40 -4.30 19.47
N GLN B 480 3.27 -3.78 18.24
CA GLN B 480 4.06 -2.62 17.76
C GLN B 480 3.72 -1.40 18.63
N ASP B 481 2.43 -1.17 18.90
CA ASP B 481 1.96 -0.09 19.79
C ASP B 481 2.70 -0.19 21.14
N LEU B 482 2.76 -1.39 21.72
CA LEU B 482 3.40 -1.63 23.05
C LEU B 482 4.89 -1.26 22.98
N LEU B 483 5.60 -1.78 21.99
CA LEU B 483 7.07 -1.65 21.85
C LEU B 483 7.47 -0.26 21.33
N MET B 484 6.52 0.51 20.79
CA MET B 484 6.75 1.90 20.27
C MET B 484 6.08 2.93 21.18
N PHE B 485 5.62 2.52 22.37
CA PHE B 485 5.06 3.40 23.41
C PHE B 485 4.02 4.36 22.80
N LYS B 486 3.12 3.84 21.97
CA LYS B 486 2.06 4.64 21.30
C LYS B 486 0.82 3.77 21.05
N GLU B 487 -0.18 4.33 20.38
CA GLU B 487 -1.43 3.63 19.98
C GLU B 487 -1.75 3.99 18.51
N GLY B 488 -2.40 3.07 17.79
CA GLY B 488 -2.97 3.32 16.45
C GLY B 488 -2.01 3.00 15.32
N SER B 489 -1.07 2.07 15.50
CA SER B 489 -0.12 1.59 14.45
C SER B 489 -0.91 0.94 13.30
N MET B 490 -0.60 1.33 12.05
CA MET B 490 -1.18 0.76 10.80
C MET B 490 -0.07 0.16 9.92
N ASN B 491 1.13 0.74 9.93
CA ASN B 491 2.31 0.30 9.16
C ASN B 491 3.11 -0.70 10.03
N ILE B 492 2.88 -2.00 9.82
CA ILE B 492 3.51 -3.09 10.63
C ILE B 492 4.94 -3.32 10.10
N HIS B 493 5.95 -2.94 10.89
CA HIS B 493 7.39 -3.07 10.53
C HIS B 493 8.10 -4.06 11.45
N LEU B 494 7.37 -4.77 12.32
CA LEU B 494 7.94 -5.80 13.24
C LEU B 494 8.39 -7.02 12.43
N ILE B 495 9.45 -7.68 12.90
CA ILE B 495 10.03 -8.92 12.29
C ILE B 495 9.72 -10.10 13.22
N GLU B 496 10.04 -11.32 12.78
CA GLU B 496 9.77 -12.58 13.54
C GLU B 496 10.33 -12.48 14.96
N ALA B 497 11.59 -12.07 15.11
CA ALA B 497 12.33 -12.00 16.40
C ALA B 497 11.53 -11.20 17.43
N ASP B 498 10.90 -10.09 16.99
CA ASP B 498 10.06 -9.20 17.83
C ASP B 498 8.81 -9.97 18.27
N LEU B 499 8.07 -10.51 17.30
CA LEU B 499 6.77 -11.21 17.49
C LEU B 499 6.96 -12.46 18.36
N ARG B 500 8.11 -13.12 18.26
CA ARG B 500 8.40 -14.40 18.95
C ARG B 500 8.35 -14.22 20.48
N ASN B 501 8.50 -12.99 20.96
CA ASN B 501 8.39 -12.63 22.40
C ASN B 501 6.97 -12.83 22.91
N PHE B 502 5.97 -12.91 22.02
CA PHE B 502 4.53 -13.02 22.35
C PHE B 502 3.99 -14.41 21.96
N GLU B 503 4.87 -15.34 21.58
CA GLU B 503 4.49 -16.69 21.10
C GLU B 503 3.84 -17.47 22.25
N ILE B 504 2.80 -18.26 21.96
CA ILE B 504 2.32 -19.37 22.83
C ILE B 504 3.24 -20.57 22.57
N SER B 505 3.76 -21.19 23.64
CA SER B 505 4.62 -22.40 23.56
C SER B 505 3.95 -23.44 22.66
N LYS B 506 4.70 -24.00 21.71
CA LYS B 506 4.17 -24.93 20.66
C LYS B 506 3.51 -26.15 21.32
N THR B 507 3.96 -26.52 22.53
CA THR B 507 3.53 -27.72 23.27
C THR B 507 2.15 -27.54 23.92
N ASN B 508 1.56 -26.33 23.85
CA ASN B 508 0.28 -25.99 24.53
C ASN B 508 -0.90 -26.16 23.57
N ILE B 509 -0.69 -26.18 22.25
CA ILE B 509 -1.76 -26.39 21.22
C ILE B 509 -1.24 -27.37 20.15
N SER B 510 -2.09 -28.32 19.74
CA SER B 510 -1.94 -29.10 18.49
C SER B 510 -2.79 -28.41 17.41
N GLN B 511 -2.14 -27.74 16.47
CA GLN B 511 -2.79 -26.84 15.46
C GLN B 511 -3.11 -27.61 14.18
N SER B 512 -2.36 -28.69 13.89
CA SER B 512 -2.42 -29.45 12.61
C SER B 512 -3.57 -30.48 12.65
N THR B 513 -4.79 -30.03 12.91
CA THR B 513 -5.99 -30.89 13.07
C THR B 513 -6.71 -31.03 11.73
N GLU B 514 -7.55 -32.05 11.60
CA GLU B 514 -8.37 -32.29 10.39
C GLU B 514 -9.23 -31.04 10.13
N GLN B 515 -9.91 -30.52 11.15
CA GLN B 515 -10.89 -29.41 10.98
C GLN B 515 -10.17 -28.10 10.64
N GLU B 516 -8.92 -27.93 11.07
CA GLU B 516 -8.10 -26.72 10.78
C GLU B 516 -7.89 -26.58 9.27
N MET B 517 -7.85 -27.70 8.53
CA MET B 517 -7.55 -27.71 7.06
C MET B 517 -8.80 -27.32 6.25
N ALA B 518 -9.96 -27.12 6.90
CA ALA B 518 -11.20 -26.63 6.25
C ALA B 518 -11.62 -25.29 6.85
N SER B 519 -11.21 -24.18 6.23
CA SER B 519 -11.63 -22.80 6.57
C SER B 519 -13.15 -22.66 6.38
N LEU B 520 -13.82 -22.01 7.33
CA LEU B 520 -15.31 -21.92 7.41
C LEU B 520 -15.80 -20.56 6.86
N TRP B 521 -14.89 -19.61 6.63
CA TRP B 521 -15.23 -18.21 6.23
C TRP B 521 -14.51 -17.82 4.93
N SER B 522 -13.62 -18.66 4.41
CA SER B 522 -12.80 -18.40 3.19
C SER B 522 -12.60 -19.70 2.41
N PHE B 523 -12.13 -19.59 1.16
CA PHE B 523 -11.77 -20.73 0.29
C PHE B 523 -10.80 -20.25 -0.80
N ASP B 524 -9.92 -21.15 -1.28
CA ASP B 524 -8.85 -20.84 -2.27
C ASP B 524 -9.33 -21.19 -3.68
N ASP B 525 -8.54 -20.82 -4.70
CA ASP B 525 -8.78 -21.10 -6.14
C ASP B 525 -9.11 -22.59 -6.33
N ALA B 526 -8.27 -23.49 -5.81
CA ALA B 526 -8.40 -24.95 -5.93
C ALA B 526 -9.85 -25.35 -5.64
N ARG B 527 -10.38 -24.90 -4.49
CA ARG B 527 -11.75 -25.23 -4.01
C ARG B 527 -12.79 -24.53 -4.89
N ALA B 528 -12.52 -23.31 -5.35
CA ALA B 528 -13.41 -22.53 -6.25
C ALA B 528 -13.63 -23.31 -7.56
N LYS B 529 -12.54 -23.66 -8.24
CA LYS B 529 -12.56 -24.48 -9.49
C LYS B 529 -13.38 -25.75 -9.26
N ALA B 530 -13.10 -26.48 -8.17
CA ALA B 530 -13.70 -27.78 -7.81
C ALA B 530 -15.22 -27.63 -7.60
N GLN B 531 -15.65 -26.62 -6.83
CA GLN B 531 -17.07 -26.39 -6.48
C GLN B 531 -17.86 -25.96 -7.72
N PHE B 532 -17.26 -25.14 -8.60
CA PHE B 532 -17.90 -24.72 -9.88
C PHE B 532 -18.33 -25.94 -10.68
N GLU B 533 -17.41 -26.88 -10.90
CA GLU B 533 -17.66 -28.12 -11.70
C GLU B 533 -18.73 -28.95 -10.99
N GLU B 534 -18.62 -29.05 -9.66
CA GLU B 534 -19.56 -29.77 -8.76
C GLU B 534 -20.97 -29.14 -8.89
N TYR B 535 -21.06 -27.81 -8.91
CA TYR B 535 -22.35 -27.07 -9.02
C TYR B 535 -22.96 -27.29 -10.41
N LYS B 536 -22.12 -27.41 -11.44
CA LYS B 536 -22.53 -27.57 -12.86
C LYS B 536 -23.18 -28.95 -13.08
N ARG B 537 -22.50 -30.03 -12.68
CA ARG B 537 -22.99 -31.42 -12.91
C ARG B 537 -24.24 -31.65 -12.06
N ASN B 538 -24.33 -31.02 -10.88
CA ASN B 538 -25.52 -31.09 -9.99
C ASN B 538 -26.74 -30.45 -10.66
N TYR B 539 -26.54 -29.35 -11.39
CA TYR B 539 -27.62 -28.52 -11.95
C TYR B 539 -28.15 -29.10 -13.27
N PHE B 540 -27.34 -29.92 -13.98
CA PHE B 540 -27.64 -30.46 -15.33
C PHE B 540 -28.18 -31.90 -15.20
#